data_5MFH
#
_entry.id   5MFH
#
_cell.length_a   81.480
_cell.length_b   103.790
_cell.length_c   134.010
_cell.angle_alpha   90.00
_cell.angle_beta   90.00
_cell.angle_gamma   90.00
#
_symmetry.space_group_name_H-M   'P 21 21 21'
#
loop_
_entity.id
_entity.type
_entity.pdbx_description
1 polymer YIIIM5AII
2 polymer (RR)5
3 non-polymer 'CALCIUM ION'
4 water water
#
loop_
_entity_poly.entity_id
_entity_poly.type
_entity_poly.pdbx_seq_one_letter_code
_entity_poly.pdbx_strand_id
1 'polypeptide(L)'
;GPGSELPQMVQQLNSPDQQELQSALRKLSQIASGGNEQIQAVIDAGALPALVQLLSSPNEQILQEALWALSNIASGGNEQ
IQAVIDAGALPALVQLLSSPNEQILQEALWALSNIASGGNEQIQAVIDAGALPALVQLLSSPNEQILQEALWALSNIASG
GNEQIQAVIDAGALPALVQLLSSPNEQILQEALWALSNIASGGNEQIQAVIDAGALPALVQLLSSPNEQILQEALWALSN
IASGGNEQKQAVKEAGALEKLEQLQSHENEKIQKEAQEALEKLQSH
;
A,B,C,D
2 'polypeptide(L)' RRRRRRRRRR E,F
#
loop_
_chem_comp.id
_chem_comp.type
_chem_comp.name
_chem_comp.formula
CA non-polymer 'CALCIUM ION' 'Ca 2'
#
# COMPACT_ATOMS: atom_id res chain seq x y z
N GLY A 3 -23.37 -6.41 29.67
CA GLY A 3 -24.60 -5.63 29.58
C GLY A 3 -25.47 -6.02 28.39
N SER A 4 -25.85 -5.01 27.57
CA SER A 4 -26.68 -5.20 26.38
C SER A 4 -25.88 -5.92 25.25
N GLU A 5 -26.57 -6.40 24.21
CA GLU A 5 -25.96 -7.16 23.10
C GLU A 5 -24.94 -6.36 22.25
N LEU A 6 -25.26 -5.10 21.90
CA LEU A 6 -24.38 -4.26 21.08
C LEU A 6 -23.06 -3.86 21.78
N PRO A 7 -23.02 -3.36 23.07
CA PRO A 7 -21.71 -3.03 23.67
C PRO A 7 -20.79 -4.25 23.83
N GLN A 8 -21.38 -5.46 23.95
CA GLN A 8 -20.67 -6.73 24.04
C GLN A 8 -19.92 -7.00 22.73
N MET A 9 -20.57 -6.69 21.58
CA MET A 9 -20.00 -6.85 20.23
C MET A 9 -18.81 -5.89 20.07
N VAL A 10 -18.94 -4.67 20.65
CA VAL A 10 -17.91 -3.63 20.63
C VAL A 10 -16.68 -4.10 21.44
N GLN A 11 -16.91 -4.82 22.56
CA GLN A 11 -15.87 -5.39 23.42
C GLN A 11 -15.07 -6.50 22.71
N GLN A 12 -15.67 -7.18 21.71
CA GLN A 12 -15.02 -8.25 20.95
C GLN A 12 -14.14 -7.73 19.80
N LEU A 13 -14.20 -6.41 19.51
CA LEU A 13 -13.42 -5.79 18.43
C LEU A 13 -11.91 -5.67 18.74
N ASN A 14 -11.52 -5.83 20.02
CA ASN A 14 -10.11 -5.81 20.43
C ASN A 14 -9.65 -7.17 21.01
N SER A 15 -10.49 -8.21 20.83
CA SER A 15 -10.28 -9.58 21.29
C SER A 15 -9.10 -10.28 20.58
N PRO A 16 -8.29 -11.09 21.30
CA PRO A 16 -7.18 -11.81 20.62
C PRO A 16 -7.68 -12.91 19.67
N ASP A 17 -8.95 -13.35 19.82
CA ASP A 17 -9.58 -14.36 18.98
C ASP A 17 -10.15 -13.66 17.72
N GLN A 18 -9.50 -13.87 16.55
CA GLN A 18 -9.86 -13.27 15.27
C GLN A 18 -11.23 -13.74 14.71
N GLN A 19 -11.67 -14.96 15.10
CA GLN A 19 -12.97 -15.51 14.69
C GLN A 19 -14.07 -14.77 15.47
N GLU A 20 -13.85 -14.55 16.79
CA GLU A 20 -14.78 -13.83 17.66
C GLU A 20 -14.87 -12.37 17.23
N LEU A 21 -13.71 -11.80 16.80
CA LEU A 21 -13.56 -10.43 16.32
C LEU A 21 -14.36 -10.25 15.02
N GLN A 22 -14.17 -11.16 14.03
CA GLN A 22 -14.84 -11.11 12.74
C GLN A 22 -16.35 -11.26 12.84
N SER A 23 -16.84 -12.14 13.74
CA SER A 23 -18.27 -12.39 13.97
C SER A 23 -18.98 -11.12 14.46
N ALA A 24 -18.41 -10.47 15.49
CA ALA A 24 -18.93 -9.24 16.09
C ALA A 24 -18.86 -8.08 15.11
N LEU A 25 -17.77 -8.02 14.32
CA LEU A 25 -17.53 -7.00 13.30
C LEU A 25 -18.57 -7.13 12.18
N ARG A 26 -18.90 -8.37 11.76
CA ARG A 26 -19.89 -8.67 10.72
C ARG A 26 -21.32 -8.28 11.14
N LYS A 27 -21.65 -8.47 12.44
CA LYS A 27 -22.96 -8.13 12.99
C LYS A 27 -23.16 -6.62 13.14
N LEU A 28 -22.17 -5.91 13.73
CA LEU A 28 -22.21 -4.44 13.88
C LEU A 28 -22.34 -3.74 12.53
N SER A 29 -21.65 -4.28 11.51
CA SER A 29 -21.67 -3.81 10.12
C SER A 29 -23.07 -3.97 9.51
N GLN A 30 -23.76 -5.11 9.81
CA GLN A 30 -25.11 -5.39 9.31
C GLN A 30 -26.16 -4.48 9.97
N ILE A 31 -25.99 -4.14 11.26
CA ILE A 31 -26.87 -3.24 12.00
C ILE A 31 -26.74 -1.81 11.43
N ALA A 32 -25.48 -1.34 11.25
CA ALA A 32 -25.15 -0.02 10.70
C ALA A 32 -25.63 0.23 9.26
N SER A 33 -26.08 -0.83 8.56
CA SER A 33 -26.60 -0.74 7.19
C SER A 33 -28.14 -0.76 7.16
N GLY A 34 -28.76 -0.74 8.35
CA GLY A 34 -30.21 -0.81 8.49
C GLY A 34 -30.97 0.47 8.79
N GLY A 35 -30.30 1.62 8.74
CA GLY A 35 -30.96 2.90 8.99
C GLY A 35 -30.37 3.71 10.14
N ASN A 36 -30.64 5.03 10.12
CA ASN A 36 -30.17 6.05 11.07
C ASN A 36 -30.37 5.71 12.54
N GLU A 37 -31.51 5.09 12.90
CA GLU A 37 -31.82 4.67 14.28
C GLU A 37 -30.87 3.55 14.70
N GLN A 38 -30.62 2.59 13.78
CA GLN A 38 -29.72 1.45 13.99
C GLN A 38 -28.26 1.92 14.02
N ILE A 39 -27.93 2.97 13.23
CA ILE A 39 -26.59 3.58 13.17
C ILE A 39 -26.27 4.20 14.54
N GLN A 40 -27.23 4.93 15.15
CA GLN A 40 -27.08 5.55 16.47
C GLN A 40 -26.83 4.53 17.57
N ALA A 41 -27.52 3.36 17.50
CA ALA A 41 -27.36 2.27 18.47
C ALA A 41 -25.91 1.75 18.48
N VAL A 42 -25.29 1.65 17.27
CA VAL A 42 -23.89 1.24 17.06
C VAL A 42 -22.96 2.31 17.67
N ILE A 43 -23.23 3.61 17.39
CA ILE A 43 -22.46 4.76 17.92
C ILE A 43 -22.53 4.81 19.45
N ASP A 44 -23.74 4.70 20.04
CA ASP A 44 -23.98 4.73 21.49
C ASP A 44 -23.30 3.59 22.23
N ALA A 45 -23.12 2.43 21.57
CA ALA A 45 -22.43 1.27 22.13
C ALA A 45 -20.89 1.47 22.17
N GLY A 46 -20.42 2.56 21.55
CA GLY A 46 -19.02 2.96 21.49
C GLY A 46 -18.18 2.25 20.46
N ALA A 47 -18.77 1.93 19.29
CA ALA A 47 -18.11 1.20 18.21
C ALA A 47 -17.09 2.01 17.42
N LEU A 48 -17.33 3.32 17.22
CA LEU A 48 -16.47 4.23 16.45
C LEU A 48 -14.98 4.23 16.89
N PRO A 49 -14.59 4.44 18.18
CA PRO A 49 -13.14 4.38 18.52
C PRO A 49 -12.49 3.04 18.18
N ALA A 50 -13.24 1.94 18.36
CA ALA A 50 -12.78 0.58 18.05
C ALA A 50 -12.67 0.33 16.54
N LEU A 51 -13.64 0.84 15.74
CA LEU A 51 -13.64 0.70 14.27
C LEU A 51 -12.48 1.49 13.64
N VAL A 52 -12.16 2.67 14.22
CA VAL A 52 -11.05 3.54 13.77
C VAL A 52 -9.71 2.81 13.99
N GLN A 53 -9.55 2.13 15.15
CA GLN A 53 -8.36 1.34 15.48
C GLN A 53 -8.14 0.22 14.44
N LEU A 54 -9.23 -0.43 13.99
CA LEU A 54 -9.19 -1.50 12.98
C LEU A 54 -8.80 -1.02 11.56
N LEU A 55 -8.86 0.30 11.29
CA LEU A 55 -8.46 0.86 9.98
C LEU A 55 -6.95 0.79 9.74
N SER A 56 -6.17 0.57 10.82
CA SER A 56 -4.72 0.47 10.79
C SER A 56 -4.24 -0.99 10.65
N SER A 57 -5.17 -1.96 10.78
CA SER A 57 -4.92 -3.39 10.72
C SER A 57 -4.24 -3.87 9.42
N PRO A 58 -3.21 -4.72 9.50
CA PRO A 58 -2.60 -5.27 8.26
C PRO A 58 -3.45 -6.41 7.68
N ASN A 59 -4.53 -6.79 8.39
CA ASN A 59 -5.49 -7.84 8.06
C ASN A 59 -6.61 -7.26 7.17
N GLU A 60 -6.56 -7.58 5.85
CA GLU A 60 -7.52 -7.13 4.82
C GLU A 60 -8.95 -7.59 5.08
N GLN A 61 -9.12 -8.78 5.71
CA GLN A 61 -10.42 -9.34 6.07
C GLN A 61 -11.10 -8.49 7.14
N ILE A 62 -10.33 -8.06 8.16
CA ILE A 62 -10.80 -7.17 9.23
C ILE A 62 -11.06 -5.77 8.63
N LEU A 63 -10.10 -5.23 7.85
N LEU A 63 -10.09 -5.26 7.83
CA LEU A 63 -10.13 -3.93 7.22
CA LEU A 63 -10.12 -3.95 7.15
C LEU A 63 -11.38 -3.70 6.33
C LEU A 63 -11.40 -3.72 6.35
N GLN A 64 -11.72 -4.66 5.45
CA GLN A 64 -12.90 -4.60 4.56
C GLN A 64 -14.23 -4.51 5.30
N GLU A 65 -14.38 -5.23 6.42
CA GLU A 65 -15.62 -5.18 7.18
C GLU A 65 -15.70 -3.89 8.02
N ALA A 66 -14.56 -3.43 8.58
CA ALA A 66 -14.48 -2.20 9.37
C ALA A 66 -14.75 -0.96 8.51
N LEU A 67 -14.23 -0.92 7.27
CA LEU A 67 -14.45 0.17 6.31
C LEU A 67 -15.90 0.20 5.83
N TRP A 68 -16.53 -0.98 5.70
CA TRP A 68 -17.92 -1.15 5.30
C TRP A 68 -18.84 -0.58 6.38
N ALA A 69 -18.52 -0.87 7.66
CA ALA A 69 -19.26 -0.39 8.83
C ALA A 69 -19.19 1.13 8.96
N LEU A 70 -17.97 1.71 8.82
CA LEU A 70 -17.76 3.15 8.93
C LEU A 70 -18.38 3.95 7.80
N SER A 71 -18.30 3.45 6.55
CA SER A 71 -18.91 4.12 5.39
C SER A 71 -20.44 4.15 5.55
N ASN A 72 -21.03 3.10 6.15
CA ASN A 72 -22.46 3.03 6.41
C ASN A 72 -22.89 3.97 7.53
N ILE A 73 -22.06 4.11 8.59
CA ILE A 73 -22.31 5.04 9.70
C ILE A 73 -22.25 6.49 9.15
N ALA A 74 -21.33 6.73 8.20
CA ALA A 74 -21.14 8.01 7.51
C ALA A 74 -22.25 8.33 6.48
N SER A 75 -23.17 7.37 6.25
CA SER A 75 -24.30 7.56 5.34
C SER A 75 -25.55 8.09 6.07
N GLY A 76 -25.44 8.22 7.39
CA GLY A 76 -26.50 8.75 8.24
C GLY A 76 -26.49 10.27 8.28
N GLY A 77 -27.19 10.84 9.26
CA GLY A 77 -27.29 12.29 9.45
C GLY A 77 -25.98 13.00 9.71
N ASN A 78 -26.00 14.34 9.61
CA ASN A 78 -24.84 15.20 9.83
C ASN A 78 -24.18 15.04 11.21
N GLU A 79 -25.01 14.83 12.26
CA GLU A 79 -24.52 14.61 13.62
C GLU A 79 -23.79 13.26 13.72
N GLN A 80 -24.21 12.27 12.92
CA GLN A 80 -23.60 10.94 12.87
C GLN A 80 -22.26 10.98 12.13
N ILE A 81 -22.18 11.81 11.06
CA ILE A 81 -20.97 12.04 10.27
C ILE A 81 -19.92 12.71 11.16
N GLN A 82 -20.35 13.68 11.99
CA GLN A 82 -19.50 14.41 12.92
C GLN A 82 -18.86 13.47 13.95
N ALA A 83 -19.62 12.45 14.41
CA ALA A 83 -19.13 11.46 15.37
C ALA A 83 -17.98 10.61 14.76
N VAL A 84 -18.06 10.31 13.44
CA VAL A 84 -17.04 9.59 12.68
C VAL A 84 -15.75 10.43 12.64
N ILE A 85 -15.87 11.76 12.42
CA ILE A 85 -14.75 12.70 12.39
C ILE A 85 -14.13 12.81 13.80
N ASP A 86 -14.98 13.05 14.83
CA ASP A 86 -14.58 13.17 16.23
C ASP A 86 -13.82 11.95 16.75
N ALA A 87 -14.09 10.76 16.18
CA ALA A 87 -13.44 9.49 16.51
C ALA A 87 -12.03 9.36 15.89
N GLY A 88 -11.69 10.28 14.98
CA GLY A 88 -10.39 10.35 14.30
C GLY A 88 -10.24 9.41 13.13
N ALA A 89 -11.31 9.19 12.36
CA ALA A 89 -11.32 8.29 11.20
C ALA A 89 -10.64 8.86 9.94
N LEU A 90 -10.71 10.19 9.74
CA LEU A 90 -10.17 10.87 8.55
C LEU A 90 -8.66 10.61 8.28
N PRO A 91 -7.71 10.73 9.24
CA PRO A 91 -6.30 10.44 8.90
C PRO A 91 -6.11 9.03 8.33
N ALA A 92 -6.76 8.02 8.94
CA ALA A 92 -6.69 6.62 8.50
C ALA A 92 -7.32 6.43 7.12
N LEU A 93 -8.44 7.13 6.85
CA LEU A 93 -9.13 7.08 5.56
C LEU A 93 -8.30 7.70 4.45
N VAL A 94 -7.64 8.85 4.72
CA VAL A 94 -6.80 9.57 3.76
C VAL A 94 -5.56 8.73 3.40
N GLN A 95 -4.94 8.05 4.40
CA GLN A 95 -3.78 7.19 4.19
C GLN A 95 -4.08 6.02 3.24
N LEU A 96 -5.30 5.46 3.33
CA LEU A 96 -5.75 4.34 2.50
C LEU A 96 -5.99 4.71 1.02
N LEU A 97 -5.83 6.00 0.65
CA LEU A 97 -6.00 6.45 -0.75
C LEU A 97 -4.78 6.11 -1.61
N SER A 98 -3.63 5.89 -0.97
CA SER A 98 -2.37 5.51 -1.59
C SER A 98 -2.18 3.98 -1.63
N SER A 99 -3.22 3.22 -1.22
CA SER A 99 -3.20 1.77 -1.20
C SER A 99 -3.23 1.14 -2.61
N PRO A 100 -2.41 0.08 -2.86
CA PRO A 100 -2.45 -0.58 -4.17
C PRO A 100 -3.61 -1.59 -4.29
N ASN A 101 -4.36 -1.80 -3.18
CA ASN A 101 -5.51 -2.70 -3.10
C ASN A 101 -6.76 -1.94 -3.53
N GLU A 102 -7.30 -2.26 -4.73
CA GLU A 102 -8.48 -1.65 -5.35
C GLU A 102 -9.75 -1.80 -4.52
N GLN A 103 -9.88 -2.89 -3.75
CA GLN A 103 -11.03 -3.12 -2.89
C GLN A 103 -11.01 -2.18 -1.68
N ILE A 104 -9.84 -2.07 -1.00
CA ILE A 104 -9.64 -1.19 0.15
C ILE A 104 -9.84 0.27 -0.30
N LEU A 105 -9.19 0.62 -1.44
CA LEU A 105 -9.22 1.95 -2.06
C LEU A 105 -10.65 2.42 -2.32
N GLN A 106 -11.49 1.59 -2.99
CA GLN A 106 -12.89 1.91 -3.32
C GLN A 106 -13.72 2.17 -2.05
N GLU A 107 -13.50 1.35 -1.00
CA GLU A 107 -14.19 1.46 0.29
C GLU A 107 -13.77 2.71 1.05
N ALA A 108 -12.49 3.10 0.97
CA ALA A 108 -11.96 4.31 1.60
C ALA A 108 -12.59 5.52 0.92
N LEU A 109 -12.76 5.43 -0.42
CA LEU A 109 -13.39 6.45 -1.26
C LEU A 109 -14.89 6.58 -0.96
N TRP A 110 -15.57 5.47 -0.59
CA TRP A 110 -16.99 5.46 -0.21
C TRP A 110 -17.21 6.26 1.08
N ALA A 111 -16.41 5.97 2.13
CA ALA A 111 -16.49 6.63 3.43
C ALA A 111 -16.14 8.11 3.36
N LEU A 112 -15.08 8.47 2.61
CA LEU A 112 -14.65 9.86 2.44
C LEU A 112 -15.68 10.70 1.69
N SER A 113 -16.29 10.15 0.62
CA SER A 113 -17.33 10.83 -0.15
C SER A 113 -18.59 11.04 0.70
N ASN A 114 -18.94 10.02 1.54
CA ASN A 114 -20.09 10.08 2.46
C ASN A 114 -19.88 11.15 3.53
N ILE A 115 -18.65 11.29 4.07
CA ILE A 115 -18.31 12.31 5.07
C ILE A 115 -18.37 13.69 4.40
N ALA A 116 -17.84 13.79 3.15
CA ALA A 116 -17.84 15.02 2.35
C ALA A 116 -19.24 15.38 1.81
N SER A 117 -20.28 14.59 2.12
CA SER A 117 -21.64 14.89 1.70
C SER A 117 -22.43 15.59 2.83
N GLY A 118 -21.73 15.93 3.92
CA GLY A 118 -22.29 16.64 5.07
C GLY A 118 -22.13 18.13 4.94
N GLY A 119 -22.17 18.84 6.07
CA GLY A 119 -22.04 20.29 6.14
C GLY A 119 -20.68 20.81 5.71
N ASN A 120 -20.57 22.14 5.47
CA ASN A 120 -19.34 22.81 5.03
C ASN A 120 -18.13 22.56 5.93
N GLU A 121 -18.33 22.61 7.27
CA GLU A 121 -17.27 22.39 8.26
C GLU A 121 -16.75 20.96 8.25
N GLN A 122 -17.61 20.00 7.89
CA GLN A 122 -17.29 18.57 7.79
C GLN A 122 -16.52 18.29 6.52
N ILE A 123 -16.87 19.00 5.42
CA ILE A 123 -16.17 18.93 4.13
C ILE A 123 -14.75 19.48 4.34
N GLN A 124 -14.63 20.60 5.10
CA GLN A 124 -13.36 21.24 5.42
C GLN A 124 -12.44 20.31 6.20
N ALA A 125 -13.00 19.45 7.09
CA ALA A 125 -12.26 18.48 7.88
C ALA A 125 -11.60 17.42 6.99
N VAL A 126 -12.24 17.08 5.84
CA VAL A 126 -11.75 16.13 4.83
C VAL A 126 -10.55 16.77 4.10
N ILE A 127 -10.67 18.09 3.79
CA ILE A 127 -9.62 18.89 3.16
C ILE A 127 -8.40 18.98 4.10
N ASP A 128 -8.64 19.33 5.39
CA ASP A 128 -7.60 19.45 6.41
C ASP A 128 -6.87 18.14 6.71
N ALA A 129 -7.53 17.00 6.44
CA ALA A 129 -6.96 15.67 6.61
C ALA A 129 -5.99 15.32 5.46
N GLY A 130 -6.09 16.07 4.36
CA GLY A 130 -5.22 15.94 3.19
C GLY A 130 -5.69 15.01 2.09
N ALA A 131 -7.01 14.90 1.89
CA ALA A 131 -7.61 14.02 0.88
C ALA A 131 -7.45 14.51 -0.57
N LEU A 132 -7.49 15.84 -0.79
CA LEU A 132 -7.42 16.47 -2.12
C LEU A 132 -6.22 16.07 -3.01
N PRO A 133 -4.93 16.04 -2.56
CA PRO A 133 -3.85 15.64 -3.48
C PRO A 133 -4.04 14.25 -4.09
N ALA A 134 -4.42 13.26 -3.25
CA ALA A 134 -4.68 11.89 -3.69
C ALA A 134 -5.88 11.80 -4.62
N LEU A 135 -6.97 12.56 -4.34
CA LEU A 135 -8.19 12.58 -5.15
C LEU A 135 -7.94 13.15 -6.54
N VAL A 136 -7.16 14.25 -6.62
CA VAL A 136 -6.78 14.90 -7.88
C VAL A 136 -5.92 13.92 -8.69
N GLN A 137 -4.94 13.25 -8.04
CA GLN A 137 -4.06 12.26 -8.67
C GLN A 137 -4.85 11.07 -9.25
N LEU A 138 -5.90 10.62 -8.53
CA LEU A 138 -6.74 9.50 -8.95
C LEU A 138 -7.58 9.80 -10.22
N LEU A 139 -7.67 11.08 -10.64
CA LEU A 139 -8.38 11.47 -11.87
C LEU A 139 -7.63 11.02 -13.13
N SER A 140 -6.35 10.60 -12.97
CA SER A 140 -5.48 10.12 -14.04
C SER A 140 -5.42 8.58 -14.10
N SER A 141 -6.16 7.90 -13.20
CA SER A 141 -6.20 6.43 -13.12
C SER A 141 -6.82 5.75 -14.35
N PRO A 142 -6.21 4.66 -14.87
CA PRO A 142 -6.84 3.95 -15.99
C PRO A 142 -7.98 3.03 -15.52
N ASN A 143 -8.17 2.93 -14.19
CA ASN A 143 -9.22 2.13 -13.55
C ASN A 143 -10.48 3.00 -13.44
N GLU A 144 -11.46 2.76 -14.33
CA GLU A 144 -12.74 3.48 -14.42
C GLU A 144 -13.54 3.50 -13.11
N GLN A 145 -13.47 2.42 -12.31
CA GLN A 145 -14.18 2.37 -11.03
C GLN A 145 -13.58 3.34 -10.00
N ILE A 146 -12.25 3.36 -9.87
CA ILE A 146 -11.55 4.25 -8.94
C ILE A 146 -11.76 5.72 -9.34
N LEU A 147 -11.65 6.03 -10.65
CA LEU A 147 -11.86 7.36 -11.21
C LEU A 147 -13.26 7.92 -10.85
N GLN A 148 -14.31 7.08 -10.97
CA GLN A 148 -15.70 7.42 -10.66
C GLN A 148 -15.89 7.70 -9.16
N GLU A 149 -15.31 6.85 -8.29
CA GLU A 149 -15.40 7.03 -6.84
C GLU A 149 -14.68 8.31 -6.40
N ALA A 150 -13.51 8.60 -7.04
CA ALA A 150 -12.71 9.81 -6.79
C ALA A 150 -13.44 11.07 -7.28
N LEU A 151 -14.17 10.96 -8.40
CA LEU A 151 -14.96 12.07 -8.97
C LEU A 151 -16.12 12.40 -8.04
N TRP A 152 -16.79 11.36 -7.50
CA TRP A 152 -17.91 11.44 -6.57
C TRP A 152 -17.48 12.15 -5.28
N ALA A 153 -16.28 11.82 -4.78
CA ALA A 153 -15.69 12.41 -3.58
C ALA A 153 -15.32 13.87 -3.80
N LEU A 154 -14.77 14.19 -4.99
CA LEU A 154 -14.39 15.56 -5.38
C LEU A 154 -15.59 16.46 -5.60
N SER A 155 -16.68 15.93 -6.21
CA SER A 155 -17.93 16.66 -6.46
C SER A 155 -18.58 17.05 -5.14
N ASN A 156 -18.55 16.14 -4.14
CA ASN A 156 -19.08 16.34 -2.79
C ASN A 156 -18.30 17.42 -2.04
N ILE A 157 -16.96 17.49 -2.25
CA ILE A 157 -16.12 18.52 -1.64
C ILE A 157 -16.41 19.87 -2.32
N ALA A 158 -16.48 19.87 -3.68
CA ALA A 158 -16.77 21.06 -4.50
C ALA A 158 -18.20 21.61 -4.30
N SER A 159 -19.10 20.83 -3.67
CA SER A 159 -20.45 21.30 -3.39
C SER A 159 -20.51 22.16 -2.13
N GLY A 160 -19.37 22.36 -1.48
CA GLY A 160 -19.23 23.18 -0.28
C GLY A 160 -19.24 24.67 -0.60
N GLY A 161 -18.82 25.48 0.37
CA GLY A 161 -18.77 26.93 0.25
C GLY A 161 -17.54 27.46 -0.47
N ASN A 162 -17.30 28.78 -0.33
CA ASN A 162 -16.19 29.51 -0.95
C ASN A 162 -14.81 28.88 -0.64
N GLU A 163 -14.51 28.65 0.66
CA GLU A 163 -13.24 28.06 1.13
C GLU A 163 -13.00 26.65 0.58
N GLN A 164 -14.07 25.84 0.50
CA GLN A 164 -14.03 24.45 0.03
C GLN A 164 -13.80 24.37 -1.47
N ILE A 165 -14.52 25.18 -2.27
CA ILE A 165 -14.36 25.28 -3.72
C ILE A 165 -12.94 25.78 -4.03
N GLN A 166 -12.45 26.79 -3.27
CA GLN A 166 -11.11 27.36 -3.44
C GLN A 166 -10.03 26.31 -3.21
N ALA A 167 -10.22 25.44 -2.19
CA ALA A 167 -9.30 24.34 -1.87
C ALA A 167 -9.24 23.31 -3.01
N VAL A 168 -10.37 23.11 -3.73
CA VAL A 168 -10.47 22.20 -4.89
C VAL A 168 -9.67 22.79 -6.07
N ILE A 169 -9.82 24.10 -6.33
CA ILE A 169 -9.10 24.80 -7.40
C ILE A 169 -7.59 24.82 -7.13
N ASP A 170 -7.19 25.18 -5.89
CA ASP A 170 -5.78 25.24 -5.47
C ASP A 170 -5.06 23.88 -5.51
N ALA A 171 -5.81 22.76 -5.41
CA ALA A 171 -5.28 21.40 -5.50
C ALA A 171 -5.06 20.94 -6.96
N GLY A 172 -5.32 21.85 -7.90
CA GLY A 172 -5.16 21.64 -9.34
C GLY A 172 -6.15 20.68 -9.96
N ALA A 173 -7.40 20.68 -9.49
CA ALA A 173 -8.45 19.78 -9.99
C ALA A 173 -9.08 20.20 -11.33
N LEU A 174 -9.08 21.51 -11.67
CA LEU A 174 -9.69 22.01 -12.91
C LEU A 174 -9.03 21.49 -14.21
N PRO A 175 -7.68 21.54 -14.43
CA PRO A 175 -7.14 21.03 -15.70
C PRO A 175 -7.49 19.55 -15.97
N ALA A 176 -7.50 18.74 -14.91
CA ALA A 176 -7.85 17.31 -14.97
C ALA A 176 -9.32 17.14 -15.32
N LEU A 177 -10.20 17.96 -14.71
CA LEU A 177 -11.65 17.94 -14.97
C LEU A 177 -11.99 18.40 -16.39
N VAL A 178 -11.26 19.40 -16.93
CA VAL A 178 -11.47 19.90 -18.30
C VAL A 178 -11.08 18.81 -19.32
N GLN A 179 -9.97 18.09 -19.06
CA GLN A 179 -9.51 16.98 -19.90
C GLN A 179 -10.53 15.84 -19.94
N LEU A 180 -11.17 15.55 -18.78
CA LEU A 180 -12.20 14.52 -18.65
C LEU A 180 -13.48 14.83 -19.43
N LEU A 181 -13.64 16.06 -19.95
CA LEU A 181 -14.80 16.45 -20.76
C LEU A 181 -14.70 15.85 -22.16
N SER A 182 -13.49 15.43 -22.56
CA SER A 182 -13.20 14.80 -23.85
C SER A 182 -13.06 13.27 -23.68
N SER A 183 -13.76 12.71 -22.67
CA SER A 183 -13.76 11.29 -22.35
C SER A 183 -14.79 10.52 -23.19
N PRO A 184 -14.45 9.28 -23.65
CA PRO A 184 -15.45 8.49 -24.39
C PRO A 184 -16.46 7.81 -23.46
N ASN A 185 -16.23 7.90 -22.13
CA ASN A 185 -17.05 7.32 -21.08
C ASN A 185 -18.13 8.29 -20.60
N GLU A 186 -19.40 7.97 -20.91
CA GLU A 186 -20.57 8.77 -20.54
C GLU A 186 -20.76 8.91 -19.03
N GLN A 187 -20.43 7.86 -18.25
CA GLN A 187 -20.52 7.89 -16.78
C GLN A 187 -19.49 8.86 -16.21
N ILE A 188 -18.22 8.77 -16.68
CA ILE A 188 -17.13 9.66 -16.25
C ILE A 188 -17.45 11.11 -16.64
N LEU A 189 -17.94 11.33 -17.89
CA LEU A 189 -18.32 12.65 -18.41
C LEU A 189 -19.35 13.34 -17.51
N GLN A 190 -20.39 12.60 -17.09
CA GLN A 190 -21.47 13.08 -16.20
C GLN A 190 -20.89 13.56 -14.85
N GLU A 191 -20.01 12.74 -14.24
CA GLU A 191 -19.38 13.04 -12.94
C GLU A 191 -18.41 14.20 -13.00
N ALA A 192 -17.68 14.37 -14.12
CA ALA A 192 -16.76 15.48 -14.33
C ALA A 192 -17.58 16.76 -14.51
N LEU A 193 -18.73 16.66 -15.22
CA LEU A 193 -19.68 17.76 -15.42
C LEU A 193 -20.34 18.16 -14.09
N TRP A 194 -20.62 17.17 -13.21
N TRP A 194 -20.62 17.17 -13.20
CA TRP A 194 -21.22 17.36 -11.88
CA TRP A 194 -21.19 17.38 -11.87
C TRP A 194 -20.24 18.15 -10.99
C TRP A 194 -20.21 18.23 -11.06
N ALA A 195 -18.94 17.76 -10.97
CA ALA A 195 -17.86 18.41 -10.22
C ALA A 195 -17.57 19.82 -10.75
N LEU A 196 -17.59 20.01 -12.09
CA LEU A 196 -17.37 21.33 -12.69
C LEU A 196 -18.51 22.29 -12.37
N SER A 197 -19.79 21.80 -12.39
CA SER A 197 -20.98 22.57 -12.07
C SER A 197 -20.95 23.09 -10.63
N ASN A 198 -20.40 22.27 -9.71
CA ASN A 198 -20.25 22.62 -8.30
C ASN A 198 -19.18 23.69 -8.08
N ILE A 199 -18.09 23.66 -8.86
CA ILE A 199 -17.03 24.68 -8.79
C ILE A 199 -17.59 25.99 -9.37
N ALA A 200 -18.35 25.88 -10.48
CA ALA A 200 -19.01 27.02 -11.16
C ALA A 200 -20.20 27.57 -10.35
N SER A 201 -20.59 26.89 -9.25
CA SER A 201 -21.65 27.36 -8.37
C SER A 201 -21.10 28.28 -7.26
N GLY A 202 -19.80 28.58 -7.33
CA GLY A 202 -19.12 29.46 -6.39
C GLY A 202 -19.12 30.91 -6.86
N GLY A 203 -18.19 31.69 -6.32
CA GLY A 203 -18.03 33.10 -6.64
C GLY A 203 -17.55 33.37 -8.05
N ASN A 204 -17.68 34.65 -8.50
CA ASN A 204 -17.28 35.12 -9.83
C ASN A 204 -15.83 34.80 -10.20
N GLU A 205 -14.89 34.91 -9.23
CA GLU A 205 -13.48 34.58 -9.43
C GLU A 205 -13.26 33.07 -9.64
N GLN A 206 -14.08 32.25 -8.96
CA GLN A 206 -14.03 30.78 -9.05
C GLN A 206 -14.63 30.30 -10.38
N ILE A 207 -15.69 31.02 -10.85
CA ILE A 207 -16.35 30.77 -12.14
C ILE A 207 -15.34 31.12 -13.25
N GLN A 208 -14.55 32.21 -13.04
CA GLN A 208 -13.51 32.68 -13.95
C GLN A 208 -12.36 31.67 -14.03
N ALA A 209 -12.06 30.97 -12.90
CA ALA A 209 -11.01 29.94 -12.85
C ALA A 209 -11.40 28.75 -13.74
N VAL A 210 -12.71 28.43 -13.83
CA VAL A 210 -13.26 27.36 -14.68
C VAL A 210 -13.07 27.78 -16.16
N ILE A 211 -13.30 29.08 -16.47
CA ILE A 211 -13.14 29.67 -17.81
C ILE A 211 -11.65 29.64 -18.23
N ASP A 212 -10.75 30.09 -17.32
CA ASP A 212 -9.29 30.11 -17.53
C ASP A 212 -8.71 28.71 -17.74
N ALA A 213 -9.37 27.67 -17.19
CA ALA A 213 -8.98 26.26 -17.33
C ALA A 213 -9.30 25.70 -18.73
N GLY A 214 -10.13 26.43 -19.50
CA GLY A 214 -10.52 26.10 -20.87
C GLY A 214 -11.71 25.19 -21.00
N ALA A 215 -12.68 25.31 -20.07
CA ALA A 215 -13.90 24.50 -20.02
C ALA A 215 -14.98 24.88 -21.04
N LEU A 216 -15.10 26.19 -21.38
CA LEU A 216 -16.12 26.69 -22.32
C LEU A 216 -16.09 26.04 -23.72
N PRO A 217 -14.94 25.92 -24.46
CA PRO A 217 -15.00 25.28 -25.79
C PRO A 217 -15.56 23.86 -25.77
N ALA A 218 -15.20 23.07 -24.73
CA ALA A 218 -15.67 21.70 -24.52
C ALA A 218 -17.16 21.70 -24.20
N LEU A 219 -17.62 22.62 -23.32
CA LEU A 219 -19.03 22.77 -22.94
C LEU A 219 -19.92 23.17 -24.13
N VAL A 220 -19.46 24.13 -24.96
CA VAL A 220 -20.17 24.61 -26.14
C VAL A 220 -20.32 23.47 -27.16
N GLN A 221 -19.27 22.66 -27.34
CA GLN A 221 -19.28 21.51 -28.26
C GLN A 221 -20.24 20.41 -27.77
N LEU A 222 -20.34 20.22 -26.44
CA LEU A 222 -21.25 19.23 -25.82
C LEU A 222 -22.74 19.57 -26.04
N LEU A 223 -23.05 20.81 -26.49
CA LEU A 223 -24.42 21.25 -26.78
C LEU A 223 -24.90 20.70 -28.13
N SER A 224 -23.96 20.21 -28.95
CA SER A 224 -24.22 19.61 -30.26
C SER A 224 -24.30 18.07 -30.16
N SER A 225 -24.34 17.54 -28.92
CA SER A 225 -24.43 16.10 -28.68
C SER A 225 -25.85 15.56 -28.96
N PRO A 226 -25.99 14.38 -29.60
CA PRO A 226 -27.35 13.83 -29.80
C PRO A 226 -27.91 13.20 -28.52
N ASN A 227 -27.08 13.11 -27.47
CA ASN A 227 -27.43 12.55 -26.16
C ASN A 227 -28.05 13.66 -25.28
N GLU A 228 -29.37 13.54 -25.01
CA GLU A 228 -30.16 14.47 -24.19
C GLU A 228 -29.68 14.53 -22.73
N GLN A 229 -29.18 13.40 -22.18
CA GLN A 229 -28.66 13.31 -20.81
C GLN A 229 -27.38 14.14 -20.66
N ILE A 230 -26.43 14.00 -21.62
CA ILE A 230 -25.17 14.75 -21.66
C ILE A 230 -25.49 16.25 -21.81
N LEU A 231 -26.47 16.56 -22.69
CA LEU A 231 -26.95 17.91 -22.96
C LEU A 231 -27.42 18.63 -21.70
N GLN A 232 -28.28 17.95 -20.89
CA GLN A 232 -28.82 18.46 -19.63
C GLN A 232 -27.69 18.75 -18.62
N GLU A 233 -26.67 17.87 -18.57
CA GLU A 233 -25.50 18.02 -17.70
C GLU A 233 -24.66 19.22 -18.15
N ALA A 234 -24.41 19.34 -19.47
CA ALA A 234 -23.64 20.42 -20.09
C ALA A 234 -24.35 21.77 -19.91
N LEU A 235 -25.71 21.78 -20.01
CA LEU A 235 -26.53 22.98 -19.84
C LEU A 235 -26.50 23.46 -18.40
N TRP A 236 -26.53 22.52 -17.42
CA TRP A 236 -26.46 22.80 -15.98
C TRP A 236 -25.15 23.50 -15.63
N ALA A 237 -24.03 23.07 -16.24
CA ALA A 237 -22.70 23.62 -16.05
C ALA A 237 -22.58 25.03 -16.65
N LEU A 238 -23.01 25.21 -17.91
CA LEU A 238 -22.98 26.49 -18.62
C LEU A 238 -23.88 27.54 -17.98
N SER A 239 -25.08 27.13 -17.53
CA SER A 239 -26.05 28.00 -16.85
C SER A 239 -25.45 28.57 -15.55
N ASN A 240 -24.65 27.74 -14.82
CA ASN A 240 -23.97 28.16 -13.60
C ASN A 240 -22.91 29.22 -13.89
N ILE A 241 -22.20 29.08 -15.03
CA ILE A 241 -21.19 30.02 -15.49
C ILE A 241 -21.89 31.32 -15.95
N ALA A 242 -23.09 31.17 -16.59
CA ALA A 242 -23.94 32.27 -17.06
C ALA A 242 -24.45 33.14 -15.91
N SER A 243 -24.54 32.55 -14.68
CA SER A 243 -24.98 33.22 -13.46
C SER A 243 -23.91 34.14 -12.84
N GLY A 244 -22.72 34.14 -13.43
CA GLY A 244 -21.60 34.98 -13.00
C GLY A 244 -21.75 36.43 -13.41
N GLY A 245 -20.66 37.19 -13.28
CA GLY A 245 -20.61 38.60 -13.65
C GLY A 245 -20.52 38.83 -15.13
N ASN A 246 -20.54 40.12 -15.54
CA ASN A 246 -20.47 40.55 -16.95
C ASN A 246 -19.23 40.05 -17.69
N GLU A 247 -18.09 39.95 -16.99
CA GLU A 247 -16.82 39.45 -17.53
C GLU A 247 -16.99 37.96 -17.90
N GLN A 248 -17.65 37.19 -17.02
CA GLN A 248 -17.95 35.77 -17.19
C GLN A 248 -19.01 35.55 -18.27
N LYS A 249 -20.07 36.41 -18.30
CA LYS A 249 -21.15 36.37 -19.29
C LYS A 249 -20.62 36.59 -20.71
N GLN A 250 -19.67 37.54 -20.87
CA GLN A 250 -19.01 37.89 -22.14
C GLN A 250 -18.17 36.71 -22.66
N ALA A 251 -17.47 36.00 -21.75
CA ALA A 251 -16.63 34.84 -22.06
C ALA A 251 -17.45 33.70 -22.69
N VAL A 252 -18.71 33.51 -22.21
CA VAL A 252 -19.64 32.50 -22.70
C VAL A 252 -20.13 32.91 -24.10
N LYS A 253 -20.36 34.23 -24.31
CA LYS A 253 -20.80 34.79 -25.60
C LYS A 253 -19.71 34.65 -26.67
N GLU A 254 -18.42 34.82 -26.27
CA GLU A 254 -17.27 34.70 -27.16
C GLU A 254 -17.02 33.25 -27.57
N ALA A 255 -17.37 32.29 -26.68
CA ALA A 255 -17.24 30.86 -26.88
C ALA A 255 -18.21 30.29 -27.94
N GLY A 256 -19.21 31.08 -28.31
CA GLY A 256 -20.21 30.72 -29.31
C GLY A 256 -21.37 29.92 -28.77
N ALA A 257 -21.88 30.30 -27.59
CA ALA A 257 -22.98 29.60 -26.91
C ALA A 257 -24.37 30.07 -27.35
N LEU A 258 -24.55 31.39 -27.62
CA LEU A 258 -25.82 32.01 -28.02
C LEU A 258 -26.49 31.33 -29.21
N GLU A 259 -25.70 30.95 -30.24
CA GLU A 259 -26.19 30.27 -31.45
C GLU A 259 -26.77 28.90 -31.12
N LYS A 260 -26.07 28.13 -30.27
CA LYS A 260 -26.47 26.79 -29.84
C LYS A 260 -27.68 26.82 -28.90
N LEU A 261 -27.67 27.76 -27.93
CA LEU A 261 -28.76 27.95 -26.96
C LEU A 261 -30.08 28.38 -27.62
N GLU A 262 -30.00 29.18 -28.71
CA GLU A 262 -31.16 29.63 -29.49
C GLU A 262 -31.82 28.42 -30.17
N GLN A 263 -31.00 27.51 -30.73
CA GLN A 263 -31.43 26.28 -31.39
C GLN A 263 -32.03 25.30 -30.38
N LEU A 264 -31.46 25.21 -29.16
CA LEU A 264 -31.89 24.30 -28.09
C LEU A 264 -33.24 24.70 -27.47
N GLN A 265 -33.76 25.91 -27.79
CA GLN A 265 -35.07 26.39 -27.33
C GLN A 265 -36.18 25.66 -28.11
N SER A 266 -35.84 25.10 -29.28
CA SER A 266 -36.73 24.37 -30.20
C SER A 266 -36.61 22.83 -30.06
N HIS A 267 -35.82 22.35 -29.08
CA HIS A 267 -35.59 20.92 -28.80
C HIS A 267 -36.88 20.20 -28.36
N GLU A 268 -37.03 18.91 -28.75
CA GLU A 268 -38.18 18.06 -28.43
C GLU A 268 -38.36 17.88 -26.91
N ASN A 269 -37.24 17.72 -26.18
CA ASN A 269 -37.20 17.52 -24.73
C ASN A 269 -37.50 18.84 -24.00
N GLU A 270 -38.54 18.84 -23.15
CA GLU A 270 -39.01 20.00 -22.37
C GLU A 270 -37.99 20.49 -21.34
N LYS A 271 -37.25 19.57 -20.69
CA LYS A 271 -36.23 19.91 -19.69
C LYS A 271 -35.06 20.68 -20.33
N ILE A 272 -34.68 20.29 -21.58
CA ILE A 272 -33.63 20.92 -22.38
C ILE A 272 -34.09 22.35 -22.77
N GLN A 273 -35.38 22.48 -23.17
CA GLN A 273 -36.01 23.75 -23.56
C GLN A 273 -35.95 24.79 -22.45
N LYS A 274 -36.40 24.41 -21.24
CA LYS A 274 -36.44 25.25 -20.04
C LYS A 274 -35.04 25.74 -19.63
N GLU A 275 -34.05 24.82 -19.57
CA GLU A 275 -32.67 25.11 -19.18
C GLU A 275 -31.93 26.03 -20.15
N ALA A 276 -32.12 25.81 -21.48
CA ALA A 276 -31.48 26.63 -22.52
C ALA A 276 -32.10 28.02 -22.58
N GLN A 277 -33.42 28.13 -22.30
CA GLN A 277 -34.15 29.40 -22.26
C GLN A 277 -33.68 30.20 -21.05
N GLU A 278 -33.45 29.52 -19.91
CA GLU A 278 -32.95 30.11 -18.66
C GLU A 278 -31.50 30.59 -18.81
N ALA A 279 -30.64 29.79 -19.47
CA ALA A 279 -29.23 30.12 -19.71
C ALA A 279 -29.10 31.34 -20.62
N LEU A 280 -29.98 31.42 -21.65
CA LEU A 280 -30.03 32.54 -22.60
C LEU A 280 -30.52 33.82 -21.91
N GLU A 281 -31.44 33.70 -20.93
CA GLU A 281 -31.99 34.81 -20.14
C GLU A 281 -30.89 35.46 -19.31
N LYS A 282 -30.00 34.64 -18.72
CA LYS A 282 -28.87 35.08 -17.87
C LYS A 282 -27.82 35.85 -18.68
N LEU A 283 -27.58 35.42 -19.93
CA LEU A 283 -26.58 36.04 -20.81
C LEU A 283 -27.06 37.33 -21.43
N GLN A 284 -28.31 37.36 -21.93
CA GLN A 284 -28.90 38.54 -22.58
C GLN A 284 -29.36 39.63 -21.60
N SER A 285 -29.37 39.34 -20.29
CA SER A 285 -29.76 40.28 -19.23
C SER A 285 -28.80 40.22 -18.06
N SER B 4 -48.37 -1.86 -13.33
CA SER B 4 -48.90 -1.62 -14.67
C SER B 4 -48.21 -0.41 -15.36
N GLU B 5 -47.37 0.32 -14.61
CA GLU B 5 -46.59 1.45 -15.10
C GLU B 5 -45.25 0.95 -15.66
N LEU B 6 -44.81 -0.23 -15.19
CA LEU B 6 -43.56 -0.89 -15.59
C LEU B 6 -43.44 -1.22 -17.10
N PRO B 7 -44.46 -1.79 -17.81
CA PRO B 7 -44.27 -2.07 -19.25
C PRO B 7 -44.07 -0.83 -20.13
N GLN B 8 -44.46 0.35 -19.64
CA GLN B 8 -44.26 1.62 -20.33
C GLN B 8 -42.78 2.03 -20.26
N MET B 9 -42.15 1.79 -19.09
CA MET B 9 -40.73 2.07 -18.82
C MET B 9 -39.85 1.16 -19.68
N VAL B 10 -40.32 -0.08 -19.93
CA VAL B 10 -39.69 -1.09 -20.78
C VAL B 10 -39.66 -0.56 -22.23
N GLN B 11 -40.78 0.04 -22.69
CA GLN B 11 -40.93 0.63 -24.02
C GLN B 11 -40.01 1.85 -24.23
N GLN B 12 -39.61 2.53 -23.14
CA GLN B 12 -38.72 3.68 -23.17
C GLN B 12 -37.22 3.28 -23.18
N LEU B 13 -36.92 1.96 -23.10
CA LEU B 13 -35.54 1.46 -23.07
C LEU B 13 -34.83 1.45 -24.44
N ASN B 14 -35.54 1.84 -25.52
CA ASN B 14 -35.00 1.94 -26.88
C ASN B 14 -35.31 3.33 -27.47
N SER B 15 -35.73 4.26 -26.59
CA SER B 15 -36.09 5.65 -26.93
C SER B 15 -34.87 6.43 -27.43
N PRO B 16 -35.03 7.30 -28.46
CA PRO B 16 -33.89 8.11 -28.92
C PRO B 16 -33.49 9.19 -27.91
N ASP B 17 -34.38 9.50 -26.95
CA ASP B 17 -34.15 10.47 -25.87
C ASP B 17 -33.45 9.73 -24.72
N GLN B 18 -32.11 9.94 -24.61
CA GLN B 18 -31.24 9.30 -23.60
C GLN B 18 -31.62 9.65 -22.16
N GLN B 19 -32.23 10.84 -21.95
CA GLN B 19 -32.69 11.28 -20.63
C GLN B 19 -33.92 10.45 -20.22
N GLU B 20 -34.87 10.23 -21.16
CA GLU B 20 -36.08 9.42 -20.97
C GLU B 20 -35.70 7.96 -20.74
N LEU B 21 -34.72 7.45 -21.53
CA LEU B 21 -34.20 6.07 -21.46
C LEU B 21 -33.61 5.83 -20.07
N GLN B 22 -32.66 6.69 -19.64
CA GLN B 22 -31.97 6.60 -18.34
C GLN B 22 -32.95 6.65 -17.16
N SER B 23 -33.94 7.57 -17.20
CA SER B 23 -34.99 7.71 -16.18
C SER B 23 -35.77 6.40 -16.00
N ALA B 24 -36.22 5.78 -17.10
CA ALA B 24 -36.95 4.51 -17.10
C ALA B 24 -36.08 3.35 -16.65
N LEU B 25 -34.80 3.34 -17.07
CA LEU B 25 -33.80 2.33 -16.71
C LEU B 25 -33.48 2.38 -15.21
N ARG B 26 -33.37 3.61 -14.64
CA ARG B 26 -33.11 3.84 -13.21
C ARG B 26 -34.26 3.32 -12.36
N LYS B 27 -35.52 3.53 -12.81
CA LYS B 27 -36.75 3.10 -12.13
C LYS B 27 -36.88 1.57 -12.09
N LEU B 28 -36.70 0.90 -13.24
CA LEU B 28 -36.77 -0.56 -13.36
C LEU B 28 -35.66 -1.25 -12.54
N SER B 29 -34.46 -0.66 -12.49
CA SER B 29 -33.31 -1.15 -11.72
C SER B 29 -33.59 -1.04 -10.22
N GLN B 30 -34.16 0.11 -9.77
CA GLN B 30 -34.52 0.40 -8.38
C GLN B 30 -35.57 -0.57 -7.87
N ILE B 31 -36.59 -0.88 -8.71
CA ILE B 31 -37.67 -1.80 -8.37
C ILE B 31 -37.14 -3.24 -8.33
N ALA B 32 -36.24 -3.61 -9.26
CA ALA B 32 -35.60 -4.94 -9.32
C ALA B 32 -34.65 -5.20 -8.14
N SER B 33 -34.25 -4.14 -7.43
CA SER B 33 -33.37 -4.26 -6.26
C SER B 33 -34.16 -4.28 -4.92
N GLY B 34 -35.48 -4.41 -5.00
CA GLY B 34 -36.34 -4.37 -3.82
C GLY B 34 -37.19 -5.60 -3.50
N GLY B 35 -36.66 -6.80 -3.72
CA GLY B 35 -37.36 -8.03 -3.39
C GLY B 35 -37.88 -8.84 -4.57
N ASN B 36 -38.11 -10.14 -4.33
CA ASN B 36 -38.57 -11.14 -5.31
C ASN B 36 -39.89 -10.82 -6.00
N GLU B 37 -40.88 -10.26 -5.25
CA GLU B 37 -42.17 -9.90 -5.84
C GLU B 37 -42.01 -8.75 -6.84
N GLN B 38 -41.13 -7.78 -6.53
CA GLN B 38 -40.81 -6.65 -7.38
C GLN B 38 -40.00 -7.08 -8.62
N ILE B 39 -39.12 -8.12 -8.46
CA ILE B 39 -38.32 -8.69 -9.54
C ILE B 39 -39.27 -9.34 -10.57
N GLN B 40 -40.26 -10.11 -10.08
CA GLN B 40 -41.27 -10.79 -10.90
C GLN B 40 -42.12 -9.80 -11.71
N ALA B 41 -42.47 -8.64 -11.10
CA ALA B 41 -43.24 -7.57 -11.76
C ALA B 41 -42.42 -6.95 -12.92
N VAL B 42 -41.09 -6.90 -12.77
CA VAL B 42 -40.14 -6.37 -13.77
C VAL B 42 -40.07 -7.38 -14.95
N ILE B 43 -39.99 -8.69 -14.65
CA ILE B 43 -39.94 -9.78 -15.64
C ILE B 43 -41.24 -9.82 -16.45
N ASP B 44 -42.41 -9.80 -15.75
CA ASP B 44 -43.75 -9.82 -16.34
C ASP B 44 -44.03 -8.64 -17.26
N ALA B 45 -43.32 -7.52 -17.07
CA ALA B 45 -43.41 -6.31 -17.89
C ALA B 45 -42.60 -6.44 -19.20
N GLY B 46 -41.89 -7.56 -19.35
CA GLY B 46 -41.05 -7.87 -20.50
C GLY B 46 -39.77 -7.08 -20.58
N ALA B 47 -39.16 -6.77 -19.40
CA ALA B 47 -37.93 -5.99 -19.30
C ALA B 47 -36.65 -6.72 -19.70
N LEU B 48 -36.58 -8.04 -19.46
CA LEU B 48 -35.38 -8.85 -19.76
C LEU B 48 -34.92 -8.78 -21.24
N PRO B 49 -35.76 -8.95 -22.29
CA PRO B 49 -35.25 -8.81 -23.67
C PRO B 49 -34.68 -7.42 -23.96
N ALA B 50 -35.30 -6.37 -23.42
CA ALA B 50 -34.86 -4.98 -23.57
C ALA B 50 -33.53 -4.72 -22.84
N LEU B 51 -33.35 -5.35 -21.65
CA LEU B 51 -32.14 -5.24 -20.83
C LEU B 51 -30.94 -5.95 -21.46
N VAL B 52 -31.16 -7.14 -22.08
CA VAL B 52 -30.11 -7.92 -22.77
C VAL B 52 -29.63 -7.14 -24.00
N GLN B 53 -30.56 -6.45 -24.70
CA GLN B 53 -30.29 -5.62 -25.88
C GLN B 53 -29.35 -4.46 -25.53
N LEU B 54 -29.45 -3.92 -24.30
CA LEU B 54 -28.61 -2.80 -23.82
C LEU B 54 -27.19 -3.22 -23.42
N LEU B 55 -26.90 -4.54 -23.34
CA LEU B 55 -25.57 -5.05 -22.98
C LEU B 55 -24.50 -4.79 -24.05
N SER B 56 -24.93 -4.48 -25.29
CA SER B 56 -24.03 -4.16 -26.41
C SER B 56 -23.79 -2.63 -26.53
N SER B 57 -24.39 -1.83 -25.62
CA SER B 57 -24.29 -0.37 -25.65
C SER B 57 -22.88 0.17 -25.38
N PRO B 58 -22.45 1.19 -26.17
CA PRO B 58 -21.15 1.81 -25.91
C PRO B 58 -21.25 2.93 -24.86
N ASN B 59 -22.49 3.23 -24.42
CA ASN B 59 -22.80 4.23 -23.40
C ASN B 59 -22.70 3.55 -22.04
N GLU B 60 -21.57 3.80 -21.33
CA GLU B 60 -21.25 3.22 -20.02
C GLU B 60 -22.28 3.55 -18.93
N GLN B 61 -22.94 4.72 -19.02
CA GLN B 61 -23.99 5.15 -18.09
C GLN B 61 -25.21 4.22 -18.20
N ILE B 62 -25.57 3.80 -19.44
CA ILE B 62 -26.69 2.89 -19.71
C ILE B 62 -26.30 1.46 -19.29
N LEU B 63 -25.12 0.98 -19.75
CA LEU B 63 -24.58 -0.35 -19.47
C LEU B 63 -24.50 -0.67 -17.97
N GLN B 64 -23.95 0.27 -17.17
CA GLN B 64 -23.82 0.12 -15.71
C GLN B 64 -25.19 -0.03 -15.04
N GLU B 65 -26.18 0.75 -15.50
CA GLU B 65 -27.54 0.67 -14.96
C GLU B 65 -28.25 -0.61 -15.40
N ALA B 66 -28.01 -1.07 -16.65
CA ALA B 66 -28.59 -2.30 -17.20
C ALA B 66 -27.98 -3.55 -16.53
N LEU B 67 -26.67 -3.53 -16.24
CA LEU B 67 -25.96 -4.63 -15.58
C LEU B 67 -26.42 -4.78 -14.13
N TRP B 68 -26.61 -3.63 -13.42
CA TRP B 68 -27.07 -3.56 -12.04
C TRP B 68 -28.46 -4.18 -11.90
N ALA B 69 -29.36 -3.86 -12.86
CA ALA B 69 -30.73 -4.39 -12.91
C ALA B 69 -30.73 -5.90 -13.13
N LEU B 70 -29.95 -6.38 -14.12
CA LEU B 70 -29.82 -7.81 -14.45
C LEU B 70 -29.25 -8.65 -13.31
N SER B 71 -28.24 -8.13 -12.58
CA SER B 71 -27.61 -8.80 -11.42
C SER B 71 -28.65 -8.98 -10.31
N ASN B 72 -29.50 -7.95 -10.09
CA ASN B 72 -30.55 -7.96 -9.08
C ASN B 72 -31.67 -8.92 -9.43
N ILE B 73 -31.98 -9.08 -10.73
CA ILE B 73 -33.00 -10.02 -11.20
C ILE B 73 -32.45 -11.44 -10.97
N ALA B 74 -31.12 -11.61 -11.17
CA ALA B 74 -30.39 -12.86 -10.96
C ALA B 74 -30.15 -13.15 -9.46
N SER B 75 -30.55 -12.22 -8.56
CA SER B 75 -30.41 -12.38 -7.11
C SER B 75 -31.68 -13.01 -6.50
N GLY B 76 -32.76 -13.06 -7.29
CA GLY B 76 -34.04 -13.63 -6.88
C GLY B 76 -34.05 -15.14 -6.91
N GLY B 77 -35.26 -15.70 -7.09
CA GLY B 77 -35.48 -17.14 -7.14
C GLY B 77 -34.85 -17.79 -8.36
N ASN B 78 -34.67 -19.13 -8.31
CA ASN B 78 -34.06 -19.93 -9.37
C ASN B 78 -34.79 -19.83 -10.72
N GLU B 79 -36.13 -19.70 -10.71
CA GLU B 79 -36.94 -19.55 -11.93
C GLU B 79 -36.74 -18.17 -12.55
N GLN B 80 -36.50 -17.14 -11.69
CA GLN B 80 -36.24 -15.76 -12.11
C GLN B 80 -34.84 -15.69 -12.74
N ILE B 81 -33.89 -16.53 -12.22
CA ILE B 81 -32.54 -16.66 -12.75
C ILE B 81 -32.62 -17.31 -14.13
N GLN B 82 -33.47 -18.36 -14.26
CA GLN B 82 -33.67 -19.08 -15.52
C GLN B 82 -34.24 -18.17 -16.62
N ALA B 83 -35.07 -17.18 -16.22
CA ALA B 83 -35.66 -16.20 -17.14
C ALA B 83 -34.56 -15.30 -17.75
N VAL B 84 -33.49 -15.01 -16.98
CA VAL B 84 -32.31 -14.23 -17.38
C VAL B 84 -31.53 -15.01 -18.45
N ILE B 85 -31.33 -16.33 -18.22
CA ILE B 85 -30.65 -17.26 -19.14
C ILE B 85 -31.44 -17.41 -20.45
N ASP B 86 -32.77 -17.60 -20.34
CA ASP B 86 -33.68 -17.75 -21.48
C ASP B 86 -33.75 -16.50 -22.35
N ALA B 87 -33.45 -15.32 -21.77
CA ALA B 87 -33.43 -14.02 -22.46
C ALA B 87 -32.12 -13.77 -23.23
N GLY B 88 -31.17 -14.71 -23.13
CA GLY B 88 -29.89 -14.67 -23.82
C GLY B 88 -28.87 -13.72 -23.22
N ALA B 89 -28.86 -13.60 -21.88
CA ALA B 89 -27.93 -12.71 -21.17
C ALA B 89 -26.50 -13.23 -21.07
N LEU B 90 -26.30 -14.55 -20.88
CA LEU B 90 -24.98 -15.17 -20.68
C LEU B 90 -23.91 -14.88 -21.78
N PRO B 91 -24.14 -15.07 -23.11
CA PRO B 91 -23.07 -14.76 -24.09
C PRO B 91 -22.54 -13.33 -24.01
N ALA B 92 -23.44 -12.36 -23.74
CA ALA B 92 -23.09 -10.95 -23.60
C ALA B 92 -22.30 -10.70 -22.32
N LEU B 93 -22.65 -11.41 -21.23
CA LEU B 93 -21.97 -11.30 -19.94
C LEU B 93 -20.54 -11.84 -20.01
N VAL B 94 -20.35 -13.02 -20.65
CA VAL B 94 -19.05 -13.67 -20.82
C VAL B 94 -18.12 -12.76 -21.68
N GLN B 95 -18.68 -12.12 -22.73
CA GLN B 95 -17.96 -11.18 -23.60
C GLN B 95 -17.41 -9.99 -22.80
N LEU B 96 -18.19 -9.53 -21.79
CA LEU B 96 -17.82 -8.41 -20.92
C LEU B 96 -16.68 -8.73 -19.93
N LEU B 97 -16.26 -10.02 -19.83
CA LEU B 97 -15.17 -10.45 -18.95
C LEU B 97 -13.78 -10.03 -19.46
N SER B 98 -13.68 -9.68 -20.76
CA SER B 98 -12.44 -9.23 -21.38
C SER B 98 -12.40 -7.68 -21.53
N SER B 99 -13.35 -6.97 -20.89
CA SER B 99 -13.45 -5.51 -20.92
C SER B 99 -12.33 -4.80 -20.13
N PRO B 100 -11.72 -3.72 -20.69
CA PRO B 100 -10.69 -2.99 -19.92
C PRO B 100 -11.28 -2.09 -18.83
N ASN B 101 -12.62 -1.93 -18.81
CA ASN B 101 -13.36 -1.14 -17.83
C ASN B 101 -13.62 -1.99 -16.59
N GLU B 102 -12.99 -1.62 -15.46
CA GLU B 102 -13.07 -2.31 -14.17
C GLU B 102 -14.47 -2.29 -13.54
N GLN B 103 -15.25 -1.22 -13.78
CA GLN B 103 -16.63 -1.08 -13.29
C GLN B 103 -17.56 -2.07 -14.00
N ILE B 104 -17.42 -2.21 -15.33
CA ILE B 104 -18.23 -3.11 -16.16
C ILE B 104 -17.89 -4.56 -15.79
N LEU B 105 -16.59 -4.89 -15.74
CA LEU B 105 -16.04 -6.20 -15.40
C LEU B 105 -16.59 -6.70 -14.06
N GLN B 106 -16.52 -5.87 -13.00
CA GLN B 106 -17.04 -6.20 -11.67
C GLN B 106 -18.55 -6.52 -11.72
N GLU B 107 -19.32 -5.70 -12.46
CA GLU B 107 -20.78 -5.86 -12.62
C GLU B 107 -21.15 -7.09 -13.42
N ALA B 108 -20.35 -7.42 -14.45
CA ALA B 108 -20.55 -8.63 -15.27
C ALA B 108 -20.28 -9.85 -14.39
N LEU B 109 -19.29 -9.74 -13.46
CA LEU B 109 -18.92 -10.77 -12.50
C LEU B 109 -20.03 -10.99 -11.45
N TRP B 110 -20.70 -9.88 -11.01
CA TRP B 110 -21.81 -9.89 -10.07
C TRP B 110 -22.97 -10.71 -10.63
N ALA B 111 -23.37 -10.43 -11.89
CA ALA B 111 -24.47 -11.10 -12.59
C ALA B 111 -24.19 -12.58 -12.75
N LEU B 112 -22.98 -12.94 -13.24
CA LEU B 112 -22.55 -14.32 -13.44
C LEU B 112 -22.52 -15.14 -12.15
N SER B 113 -22.04 -14.54 -11.03
CA SER B 113 -21.99 -15.20 -9.71
C SER B 113 -23.41 -15.45 -9.21
N ASN B 114 -24.30 -14.46 -9.39
CA ASN B 114 -25.71 -14.53 -9.01
C ASN B 114 -26.46 -15.59 -9.82
N ILE B 115 -26.11 -15.76 -11.11
CA ILE B 115 -26.70 -16.79 -11.98
C ILE B 115 -26.17 -18.16 -11.50
N ALA B 116 -24.86 -18.23 -11.18
CA ALA B 116 -24.18 -19.42 -10.68
C ALA B 116 -24.57 -19.80 -9.24
N SER B 117 -25.43 -19.00 -8.58
CA SER B 117 -25.91 -19.26 -7.21
C SER B 117 -27.21 -20.09 -7.22
N GLY B 118 -27.80 -20.28 -8.42
CA GLY B 118 -29.02 -21.05 -8.59
C GLY B 118 -28.78 -22.55 -8.57
N GLY B 119 -29.65 -23.29 -9.26
CA GLY B 119 -29.56 -24.74 -9.35
C GLY B 119 -28.44 -25.22 -10.26
N ASN B 120 -28.28 -26.54 -10.37
CA ASN B 120 -27.25 -27.17 -11.22
C ASN B 120 -27.42 -26.87 -12.70
N GLU B 121 -28.68 -26.73 -13.16
CA GLU B 121 -29.05 -26.39 -14.53
C GLU B 121 -28.55 -24.97 -14.87
N GLN B 122 -28.70 -24.02 -13.92
CA GLN B 122 -28.27 -22.62 -14.07
C GLN B 122 -26.75 -22.52 -14.08
N ILE B 123 -26.07 -23.25 -13.16
CA ILE B 123 -24.61 -23.30 -13.08
C ILE B 123 -24.05 -23.85 -14.40
N GLN B 124 -24.63 -24.95 -14.91
CA GLN B 124 -24.21 -25.59 -16.17
C GLN B 124 -24.33 -24.65 -17.37
N ALA B 125 -25.38 -23.79 -17.39
CA ALA B 125 -25.59 -22.80 -18.45
C ALA B 125 -24.45 -21.77 -18.51
N VAL B 126 -23.88 -21.40 -17.33
CA VAL B 126 -22.73 -20.48 -17.17
C VAL B 126 -21.49 -21.16 -17.76
N ILE B 127 -21.32 -22.48 -17.48
CA ILE B 127 -20.22 -23.31 -17.96
C ILE B 127 -20.29 -23.44 -19.48
N ASP B 128 -21.47 -23.79 -20.03
CA ASP B 128 -21.73 -23.95 -21.47
C ASP B 128 -21.43 -22.68 -22.28
N ALA B 129 -21.59 -21.48 -21.65
CA ALA B 129 -21.32 -20.19 -22.28
C ALA B 129 -19.83 -19.82 -22.31
N GLY B 130 -18.98 -20.70 -21.77
CA GLY B 130 -17.53 -20.53 -21.74
C GLY B 130 -17.02 -19.46 -20.79
N ALA B 131 -17.61 -19.38 -19.58
CA ALA B 131 -17.22 -18.39 -18.57
C ALA B 131 -15.97 -18.78 -17.79
N LEU B 132 -15.77 -20.09 -17.53
CA LEU B 132 -14.66 -20.64 -16.74
C LEU B 132 -13.24 -20.24 -17.20
N PRO B 133 -12.83 -20.33 -18.50
CA PRO B 133 -11.45 -19.94 -18.85
C PRO B 133 -11.12 -18.48 -18.55
N ALA B 134 -12.11 -17.57 -18.69
CA ALA B 134 -11.95 -16.15 -18.39
C ALA B 134 -11.79 -15.94 -16.88
N LEU B 135 -12.56 -16.69 -16.06
CA LEU B 135 -12.52 -16.63 -14.60
C LEU B 135 -11.19 -17.13 -14.04
N VAL B 136 -10.60 -18.16 -14.69
CA VAL B 136 -9.30 -18.75 -14.32
C VAL B 136 -8.20 -17.74 -14.65
N GLN B 137 -8.31 -17.05 -15.81
CA GLN B 137 -7.37 -16.00 -16.26
C GLN B 137 -7.35 -14.84 -15.26
N LEU B 138 -8.54 -14.45 -14.74
CA LEU B 138 -8.70 -13.35 -13.78
C LEU B 138 -8.09 -13.65 -12.40
N LEU B 139 -7.70 -14.92 -12.14
CA LEU B 139 -7.07 -15.29 -10.87
C LEU B 139 -5.62 -14.78 -10.76
N SER B 140 -5.01 -14.41 -11.90
CA SER B 140 -3.65 -13.88 -12.00
C SER B 140 -3.61 -12.34 -11.92
N SER B 141 -4.79 -11.69 -11.87
CA SER B 141 -4.94 -10.24 -11.82
C SER B 141 -4.37 -9.57 -10.55
N PRO B 142 -3.67 -8.41 -10.70
CA PRO B 142 -3.19 -7.70 -9.50
C PRO B 142 -4.28 -6.88 -8.80
N ASN B 143 -5.47 -6.77 -9.41
CA ASN B 143 -6.62 -6.05 -8.87
C ASN B 143 -7.38 -6.98 -7.90
N GLU B 144 -7.25 -6.69 -6.58
CA GLU B 144 -7.85 -7.47 -5.50
C GLU B 144 -9.37 -7.57 -5.57
N GLN B 145 -10.06 -6.52 -6.07
CA GLN B 145 -11.51 -6.54 -6.21
C GLN B 145 -11.94 -7.54 -7.29
N ILE B 146 -11.32 -7.47 -8.48
CA ILE B 146 -11.59 -8.37 -9.62
C ILE B 146 -11.23 -9.81 -9.24
N LEU B 147 -10.15 -9.99 -8.45
CA LEU B 147 -9.70 -11.29 -7.96
C LEU B 147 -10.75 -11.91 -7.01
N GLN B 148 -11.32 -11.10 -6.09
N GLN B 148 -11.32 -11.10 -6.09
CA GLN B 148 -12.35 -11.52 -5.13
CA GLN B 148 -12.35 -11.49 -5.13
C GLN B 148 -13.66 -11.90 -5.82
C GLN B 148 -13.65 -11.90 -5.83
N GLU B 149 -14.08 -11.13 -6.84
CA GLU B 149 -15.29 -11.37 -7.61
C GLU B 149 -15.19 -12.65 -8.46
N ALA B 150 -14.03 -12.86 -9.11
CA ALA B 150 -13.77 -14.05 -9.91
C ALA B 150 -13.73 -15.31 -9.03
N LEU B 151 -13.12 -15.20 -7.82
CA LEU B 151 -13.04 -16.29 -6.84
C LEU B 151 -14.43 -16.67 -6.33
N TRP B 152 -15.29 -15.67 -6.11
CA TRP B 152 -16.66 -15.85 -5.64
C TRP B 152 -17.52 -16.53 -6.73
N ALA B 153 -17.27 -16.19 -8.00
CA ALA B 153 -17.95 -16.77 -9.17
C ALA B 153 -17.59 -18.25 -9.28
N LEU B 154 -16.29 -18.59 -9.12
CA LEU B 154 -15.79 -19.97 -9.17
C LEU B 154 -16.31 -20.80 -7.99
N SER B 155 -16.48 -20.17 -6.81
CA SER B 155 -17.02 -20.79 -5.59
C SER B 155 -18.47 -21.21 -5.79
N ASN B 156 -19.28 -20.37 -6.47
CA ASN B 156 -20.68 -20.65 -6.76
C ASN B 156 -20.82 -21.76 -7.81
N ILE B 157 -19.91 -21.81 -8.80
CA ILE B 157 -19.90 -22.87 -9.82
C ILE B 157 -19.52 -24.21 -9.16
N ALA B 158 -18.57 -24.17 -8.20
CA ALA B 158 -18.09 -25.31 -7.42
C ALA B 158 -19.09 -25.77 -6.33
N SER B 159 -20.18 -25.00 -6.12
CA SER B 159 -21.22 -25.35 -5.13
C SER B 159 -22.27 -26.33 -5.69
N GLY B 160 -22.21 -26.59 -6.98
CA GLY B 160 -23.11 -27.51 -7.67
C GLY B 160 -22.72 -28.97 -7.57
N GLY B 161 -23.22 -29.76 -8.52
CA GLY B 161 -22.94 -31.19 -8.60
C GLY B 161 -21.54 -31.49 -9.07
N ASN B 162 -21.13 -32.78 -8.97
CA ASN B 162 -19.79 -33.26 -9.33
C ASN B 162 -19.38 -32.92 -10.77
N GLU B 163 -20.36 -32.90 -11.71
CA GLU B 163 -20.13 -32.55 -13.12
C GLU B 163 -19.75 -31.08 -13.29
N GLN B 164 -20.32 -30.20 -12.45
CA GLN B 164 -20.04 -28.76 -12.44
C GLN B 164 -18.68 -28.51 -11.80
N ILE B 165 -18.38 -29.21 -10.69
CA ILE B 165 -17.09 -29.13 -9.96
C ILE B 165 -15.96 -29.59 -10.91
N GLN B 166 -16.19 -30.72 -11.65
CA GLN B 166 -15.22 -31.27 -12.59
C GLN B 166 -14.82 -30.28 -13.69
N ALA B 167 -15.77 -29.41 -14.11
CA ALA B 167 -15.51 -28.39 -15.12
C ALA B 167 -14.53 -27.32 -14.59
N VAL B 168 -14.61 -27.00 -13.27
CA VAL B 168 -13.73 -26.04 -12.58
C VAL B 168 -12.30 -26.60 -12.57
N ILE B 169 -12.14 -27.91 -12.24
CA ILE B 169 -10.86 -28.63 -12.22
C ILE B 169 -10.26 -28.70 -13.64
N ASP B 170 -11.07 -29.10 -14.65
CA ASP B 170 -10.67 -29.21 -16.06
C ASP B 170 -10.20 -27.87 -16.66
N ALA B 171 -10.75 -26.74 -16.17
CA ALA B 171 -10.38 -25.39 -16.59
C ALA B 171 -9.01 -24.91 -16.04
N GLY B 172 -8.45 -25.69 -15.11
CA GLY B 172 -7.14 -25.42 -14.50
C GLY B 172 -7.16 -24.42 -13.36
N ALA B 173 -8.25 -24.41 -12.57
CA ALA B 173 -8.42 -23.47 -11.46
C ALA B 173 -7.57 -23.79 -10.22
N LEU B 174 -7.44 -25.09 -9.86
CA LEU B 174 -6.70 -25.59 -8.69
C LEU B 174 -5.25 -25.07 -8.55
N PRO B 175 -4.35 -25.10 -9.58
CA PRO B 175 -2.98 -24.55 -9.38
C PRO B 175 -2.94 -23.09 -8.91
N ALA B 176 -3.87 -22.26 -9.43
CA ALA B 176 -4.01 -20.85 -9.07
C ALA B 176 -4.58 -20.69 -7.66
N LEU B 177 -5.56 -21.56 -7.28
CA LEU B 177 -6.17 -21.55 -5.95
C LEU B 177 -5.18 -21.93 -4.86
N VAL B 178 -4.30 -22.92 -5.13
CA VAL B 178 -3.24 -23.40 -4.23
C VAL B 178 -2.20 -22.28 -4.00
N GLN B 179 -1.80 -21.56 -5.08
CA GLN B 179 -0.85 -20.45 -5.03
C GLN B 179 -1.36 -19.32 -4.13
N LEU B 180 -2.68 -19.07 -4.14
CA LEU B 180 -3.32 -18.05 -3.32
C LEU B 180 -3.33 -18.41 -1.81
N LEU B 181 -3.04 -19.67 -1.44
CA LEU B 181 -2.99 -20.08 -0.02
C LEU B 181 -1.74 -19.52 0.70
N SER B 182 -0.77 -18.98 -0.08
CA SER B 182 0.47 -18.39 0.41
C SER B 182 0.36 -16.86 0.52
N SER B 183 -0.75 -16.28 0.03
CA SER B 183 -1.01 -14.84 0.04
C SER B 183 -1.09 -14.25 1.45
N PRO B 184 -0.42 -13.11 1.72
CA PRO B 184 -0.52 -12.49 3.05
C PRO B 184 -1.83 -11.67 3.20
N ASN B 185 -2.71 -11.71 2.18
CA ASN B 185 -4.02 -11.05 2.18
C ASN B 185 -5.03 -12.10 2.66
N GLU B 186 -5.50 -11.95 3.92
CA GLU B 186 -6.42 -12.90 4.55
C GLU B 186 -7.82 -12.93 3.92
N GLN B 187 -8.22 -11.85 3.19
CA GLN B 187 -9.50 -11.81 2.48
C GLN B 187 -9.41 -12.73 1.27
N ILE B 188 -8.33 -12.62 0.47
CA ILE B 188 -8.06 -13.49 -0.70
C ILE B 188 -7.95 -14.93 -0.19
N LEU B 189 -7.23 -15.12 0.94
CA LEU B 189 -7.04 -16.40 1.62
C LEU B 189 -8.39 -17.05 1.95
N GLN B 190 -9.34 -16.25 2.48
CA GLN B 190 -10.71 -16.68 2.80
C GLN B 190 -11.44 -17.16 1.53
N GLU B 191 -11.36 -16.37 0.43
CA GLU B 191 -11.98 -16.66 -0.86
C GLU B 191 -11.43 -17.95 -1.45
N ALA B 192 -10.09 -18.10 -1.45
CA ALA B 192 -9.36 -19.27 -1.96
C ALA B 192 -9.74 -20.54 -1.20
N LEU B 193 -9.81 -20.45 0.15
CA LEU B 193 -10.19 -21.55 1.04
C LEU B 193 -11.64 -21.96 0.82
N TRP B 194 -12.54 -20.98 0.62
CA TRP B 194 -13.96 -21.22 0.35
C TRP B 194 -14.17 -21.91 -1.00
N ALA B 195 -13.43 -21.47 -2.04
CA ALA B 195 -13.47 -22.06 -3.37
C ALA B 195 -12.98 -23.51 -3.36
N LEU B 196 -11.87 -23.80 -2.65
CA LEU B 196 -11.30 -25.14 -2.51
C LEU B 196 -12.21 -26.07 -1.69
N SER B 197 -12.90 -25.52 -0.66
CA SER B 197 -13.84 -26.24 0.20
C SER B 197 -15.04 -26.75 -0.61
N ASN B 198 -15.52 -25.95 -1.58
CA ASN B 198 -16.64 -26.32 -2.44
C ASN B 198 -16.24 -27.39 -3.45
N ILE B 199 -14.99 -27.34 -3.94
CA ILE B 199 -14.45 -28.35 -4.85
C ILE B 199 -14.28 -29.67 -4.07
N ALA B 200 -13.77 -29.59 -2.83
CA ALA B 200 -13.57 -30.73 -1.94
C ALA B 200 -14.87 -31.32 -1.37
N SER B 201 -16.03 -30.68 -1.65
CA SER B 201 -17.34 -31.18 -1.20
C SER B 201 -17.95 -32.18 -2.20
N GLY B 202 -17.29 -32.39 -3.33
CA GLY B 202 -17.71 -33.31 -4.37
C GLY B 202 -17.30 -34.76 -4.13
N GLY B 203 -17.16 -35.51 -5.22
CA GLY B 203 -16.77 -36.92 -5.17
C GLY B 203 -15.31 -37.12 -4.84
N ASN B 204 -14.93 -38.36 -4.49
CA ASN B 204 -13.55 -38.74 -4.13
C ASN B 204 -12.51 -38.31 -5.16
N GLU B 205 -12.86 -38.43 -6.46
CA GLU B 205 -12.03 -38.04 -7.60
C GLU B 205 -11.79 -36.52 -7.66
N GLN B 206 -12.80 -35.72 -7.25
CA GLN B 206 -12.70 -34.24 -7.19
C GLN B 206 -11.81 -33.85 -6.01
N ILE B 207 -11.92 -34.58 -4.87
CA ILE B 207 -11.12 -34.40 -3.65
C ILE B 207 -9.65 -34.74 -3.94
N GLN B 208 -9.42 -35.81 -4.73
CA GLN B 208 -8.09 -36.27 -5.13
C GLN B 208 -7.34 -35.21 -5.95
N ALA B 209 -8.07 -34.50 -6.85
CA ALA B 209 -7.51 -33.45 -7.69
C ALA B 209 -6.97 -32.29 -6.84
N VAL B 210 -7.65 -31.97 -5.70
CA VAL B 210 -7.25 -30.95 -4.72
C VAL B 210 -5.92 -31.39 -4.08
N ILE B 211 -5.81 -32.68 -3.69
CA ILE B 211 -4.62 -33.29 -3.09
C ILE B 211 -3.45 -33.26 -4.08
N ASP B 212 -3.71 -33.75 -5.32
CA ASP B 212 -2.76 -33.80 -6.43
C ASP B 212 -2.23 -32.41 -6.81
N ALA B 213 -3.05 -31.35 -6.63
CA ALA B 213 -2.70 -29.96 -6.88
C ALA B 213 -1.73 -29.38 -5.81
N GLY B 214 -1.54 -30.13 -4.72
CA GLY B 214 -0.63 -29.79 -3.61
C GLY B 214 -1.19 -28.85 -2.57
N ALA B 215 -2.49 -28.99 -2.24
CA ALA B 215 -3.17 -28.14 -1.26
C ALA B 215 -2.92 -28.49 0.21
N LEU B 216 -2.75 -29.79 0.53
CA LEU B 216 -2.56 -30.28 1.91
C LEU B 216 -1.38 -29.65 2.68
N PRO B 217 -0.14 -29.51 2.14
CA PRO B 217 0.93 -28.89 2.96
C PRO B 217 0.57 -27.47 3.43
N ALA B 218 -0.01 -26.65 2.54
CA ALA B 218 -0.45 -25.28 2.84
C ALA B 218 -1.57 -25.30 3.90
N LEU B 219 -2.54 -26.23 3.77
CA LEU B 219 -3.67 -26.40 4.70
C LEU B 219 -3.22 -26.82 6.10
N VAL B 220 -2.31 -27.83 6.20
CA VAL B 220 -1.77 -28.33 7.47
C VAL B 220 -0.97 -27.22 8.19
N GLN B 221 -0.21 -26.41 7.42
CA GLN B 221 0.57 -25.28 7.93
C GLN B 221 -0.34 -24.22 8.55
N LEU B 222 -1.51 -23.94 7.91
CA LEU B 222 -2.50 -22.97 8.39
C LEU B 222 -3.19 -23.39 9.70
N LEU B 223 -3.10 -24.70 10.07
CA LEU B 223 -3.67 -25.21 11.33
C LEU B 223 -2.87 -24.71 12.55
N SER B 224 -1.65 -24.16 12.33
CA SER B 224 -0.77 -23.60 13.35
C SER B 224 -0.85 -22.07 13.41
N SER B 225 -1.79 -21.46 12.64
CA SER B 225 -2.01 -20.02 12.59
C SER B 225 -2.56 -19.46 13.90
N PRO B 226 -2.02 -18.33 14.40
CA PRO B 226 -2.57 -17.73 15.63
C PRO B 226 -3.92 -17.03 15.39
N ASN B 227 -4.28 -16.83 14.11
CA ASN B 227 -5.54 -16.24 13.67
C ASN B 227 -6.60 -17.34 13.67
N GLU B 228 -7.59 -17.25 14.58
CA GLU B 228 -8.67 -18.23 14.73
C GLU B 228 -9.60 -18.30 13.52
N GLN B 229 -9.83 -17.14 12.85
CA GLN B 229 -10.68 -17.05 11.67
C GLN B 229 -10.06 -17.87 10.52
N ILE B 230 -8.74 -17.68 10.25
CA ILE B 230 -7.97 -18.40 9.23
C ILE B 230 -7.97 -19.91 9.56
N LEU B 231 -7.79 -20.25 10.87
CA LEU B 231 -7.79 -21.61 11.39
C LEU B 231 -9.11 -22.33 11.07
N GLN B 232 -10.25 -21.66 11.34
CA GLN B 232 -11.60 -22.16 11.08
C GLN B 232 -11.82 -22.43 9.58
N GLU B 233 -11.31 -21.54 8.71
CA GLU B 233 -11.43 -21.63 7.26
C GLU B 233 -10.62 -22.82 6.71
N ALA B 234 -9.36 -22.97 7.18
CA ALA B 234 -8.48 -24.08 6.79
C ALA B 234 -9.02 -25.41 7.29
N LEU B 235 -9.63 -25.41 8.50
CA LEU B 235 -10.25 -26.57 9.14
C LEU B 235 -11.43 -27.13 8.33
N TRP B 236 -12.28 -26.24 7.79
N TRP B 236 -12.31 -26.26 7.79
CA TRP B 236 -13.45 -26.54 6.97
CA TRP B 236 -13.45 -26.72 7.00
C TRP B 236 -13.05 -27.21 5.66
C TRP B 236 -13.04 -27.27 5.64
N ALA B 237 -11.94 -26.73 5.05
CA ALA B 237 -11.39 -27.21 3.77
C ALA B 237 -10.81 -28.61 3.97
N LEU B 238 -10.09 -28.83 5.08
CA LEU B 238 -9.51 -30.12 5.44
C LEU B 238 -10.58 -31.15 5.80
N SER B 239 -11.65 -30.72 6.50
CA SER B 239 -12.77 -31.58 6.92
C SER B 239 -13.51 -32.15 5.71
N ASN B 240 -13.67 -31.34 4.64
CA ASN B 240 -14.31 -31.76 3.39
C ASN B 240 -13.45 -32.78 2.67
N ILE B 241 -12.11 -32.61 2.72
CA ILE B 241 -11.15 -33.56 2.15
C ILE B 241 -11.23 -34.88 2.95
N ALA B 242 -11.32 -34.77 4.29
CA ALA B 242 -11.42 -35.91 5.23
C ALA B 242 -12.73 -36.72 5.06
N SER B 243 -13.75 -36.14 4.39
CA SER B 243 -15.03 -36.78 4.11
C SER B 243 -14.96 -37.75 2.91
N GLY B 244 -13.81 -37.79 2.23
CA GLY B 244 -13.58 -38.66 1.08
C GLY B 244 -13.30 -40.11 1.45
N GLY B 245 -12.70 -40.83 0.50
CA GLY B 245 -12.34 -42.23 0.71
C GLY B 245 -11.09 -42.37 1.56
N ASN B 246 -10.74 -43.62 1.91
CA ASN B 246 -9.56 -43.92 2.72
C ASN B 246 -8.25 -43.46 2.08
N GLU B 247 -8.17 -43.47 0.74
CA GLU B 247 -7.00 -43.02 -0.05
C GLU B 247 -6.78 -41.53 0.16
N GLN B 248 -7.89 -40.76 0.19
CA GLN B 248 -7.89 -39.31 0.42
C GLN B 248 -7.55 -39.00 1.89
N LYS B 249 -8.09 -39.79 2.84
CA LYS B 249 -7.81 -39.66 4.28
C LYS B 249 -6.34 -39.94 4.58
N GLN B 250 -5.75 -40.96 3.89
CA GLN B 250 -4.34 -41.35 4.05
C GLN B 250 -3.39 -40.20 3.68
N ALA B 251 -3.74 -39.44 2.62
CA ALA B 251 -2.98 -38.28 2.15
C ALA B 251 -2.96 -37.18 3.21
N VAL B 252 -4.09 -36.99 3.93
CA VAL B 252 -4.25 -36.03 5.02
C VAL B 252 -3.34 -36.43 6.20
N LYS B 253 -3.31 -37.75 6.53
CA LYS B 253 -2.49 -38.30 7.60
C LYS B 253 -1.01 -38.14 7.27
N GLU B 254 -0.61 -38.46 6.03
CA GLU B 254 0.78 -38.33 5.57
C GLU B 254 1.27 -36.88 5.60
N ALA B 255 0.36 -35.89 5.51
CA ALA B 255 0.65 -34.46 5.55
C ALA B 255 0.85 -33.93 6.99
N GLY B 256 0.72 -34.81 7.98
CA GLY B 256 0.92 -34.50 9.39
C GLY B 256 -0.23 -33.80 10.09
N ALA B 257 -1.47 -34.10 9.68
CA ALA B 257 -2.67 -33.48 10.24
C ALA B 257 -3.21 -34.12 11.52
N LEU B 258 -2.93 -35.41 11.78
CA LEU B 258 -3.43 -36.14 12.96
C LEU B 258 -3.05 -35.48 14.30
N GLU B 259 -1.75 -35.18 14.48
CA GLU B 259 -1.21 -34.57 15.70
C GLU B 259 -1.72 -33.14 15.90
N LYS B 260 -1.84 -32.37 14.80
CA LYS B 260 -2.33 -30.99 14.82
C LYS B 260 -3.80 -30.93 15.21
N LEU B 261 -4.64 -31.81 14.61
CA LEU B 261 -6.07 -31.91 14.92
C LEU B 261 -6.32 -32.39 16.34
N GLU B 262 -5.49 -33.36 16.82
CA GLU B 262 -5.56 -33.92 18.18
C GLU B 262 -5.34 -32.84 19.23
N GLN B 263 -4.35 -31.95 19.00
CA GLN B 263 -4.00 -30.85 19.90
C GLN B 263 -5.00 -29.71 19.83
N LEU B 264 -5.60 -29.47 18.63
CA LEU B 264 -6.60 -28.42 18.41
C LEU B 264 -7.96 -28.69 19.09
N GLN B 265 -8.11 -29.88 19.71
CA GLN B 265 -9.30 -30.29 20.46
C GLN B 265 -9.31 -29.60 21.84
N SER B 266 -8.13 -29.10 22.27
CA SER B 266 -7.93 -28.39 23.54
C SER B 266 -7.76 -26.87 23.36
N HIS B 267 -8.10 -26.34 22.16
CA HIS B 267 -8.05 -24.91 21.82
C HIS B 267 -9.03 -24.11 22.69
N GLU B 268 -8.69 -22.85 23.03
CA GLU B 268 -9.54 -21.97 23.84
C GLU B 268 -10.92 -21.73 23.19
N ASN B 269 -10.94 -21.54 21.85
CA ASN B 269 -12.13 -21.33 21.03
C ASN B 269 -12.90 -22.64 20.89
N GLU B 270 -14.15 -22.67 21.39
CA GLU B 270 -15.04 -23.84 21.37
C GLU B 270 -15.37 -24.36 19.97
N LYS B 271 -15.55 -23.45 18.98
CA LYS B 271 -15.86 -23.80 17.58
C LYS B 271 -14.71 -24.55 16.91
N ILE B 272 -13.44 -24.20 17.26
CA ILE B 272 -12.22 -24.85 16.75
C ILE B 272 -12.17 -26.28 17.30
N GLN B 273 -12.50 -26.46 18.61
CA GLN B 273 -12.52 -27.76 19.29
C GLN B 273 -13.47 -28.73 18.62
N LYS B 274 -14.70 -28.26 18.30
CA LYS B 274 -15.77 -29.01 17.66
C LYS B 274 -15.36 -29.45 16.26
N GLU B 275 -14.82 -28.52 15.45
CA GLU B 275 -14.38 -28.78 14.08
C GLU B 275 -13.11 -29.65 14.02
N ALA B 276 -12.19 -29.52 15.00
CA ALA B 276 -10.98 -30.33 15.06
C ALA B 276 -11.32 -31.78 15.37
N GLN B 277 -12.25 -32.00 16.33
CA GLN B 277 -12.72 -33.32 16.73
C GLN B 277 -13.47 -34.01 15.58
N GLU B 278 -14.38 -33.27 14.90
CA GLU B 278 -15.16 -33.75 13.76
C GLU B 278 -14.26 -34.21 12.62
N ALA B 279 -13.20 -33.43 12.30
CA ALA B 279 -12.23 -33.76 11.25
C ALA B 279 -11.37 -34.95 11.65
N LEU B 280 -10.97 -35.05 12.94
CA LEU B 280 -10.15 -36.15 13.48
C LEU B 280 -10.92 -37.47 13.46
N GLU B 281 -12.21 -37.45 13.89
CA GLU B 281 -13.06 -38.65 13.91
C GLU B 281 -13.30 -39.23 12.49
N LYS B 282 -13.24 -38.36 11.45
CA LYS B 282 -13.36 -38.75 10.04
C LYS B 282 -12.12 -39.57 9.63
N LEU B 283 -10.91 -39.10 9.99
CA LEU B 283 -9.63 -39.76 9.69
C LEU B 283 -9.45 -41.06 10.48
N GLN B 284 -10.06 -41.14 11.69
CA GLN B 284 -10.00 -42.32 12.55
C GLN B 284 -10.96 -43.42 12.08
N SER B 285 -11.84 -43.10 11.11
CA SER B 285 -12.82 -43.99 10.51
C SER B 285 -12.30 -44.64 9.22
N HIS B 286 -12.41 -45.97 9.13
CA HIS B 286 -12.01 -46.78 7.98
C HIS B 286 -13.26 -47.17 7.21
N GLU C 5 11.43 31.10 13.72
CA GLU C 5 12.39 30.02 13.85
C GLU C 5 11.70 28.64 13.77
N LEU C 6 11.82 27.79 14.82
CA LEU C 6 11.21 26.46 14.88
C LEU C 6 9.66 26.48 14.83
N PRO C 7 8.91 27.32 15.60
CA PRO C 7 7.44 27.31 15.48
C PRO C 7 6.94 27.75 14.09
N GLN C 8 7.74 28.59 13.39
CA GLN C 8 7.44 29.06 12.04
C GLN C 8 7.57 27.92 11.01
N MET C 9 8.53 27.00 11.22
CA MET C 9 8.76 25.83 10.36
C MET C 9 7.59 24.86 10.48
N VAL C 10 7.06 24.66 11.72
CA VAL C 10 5.93 23.80 12.03
C VAL C 10 4.66 24.31 11.32
N GLN C 11 4.51 25.66 11.23
CA GLN C 11 3.39 26.33 10.54
C GLN C 11 3.37 25.96 9.06
N GLN C 12 4.55 25.81 8.43
CA GLN C 12 4.72 25.46 7.02
C GLN C 12 4.42 23.98 6.70
N LEU C 13 4.28 23.12 7.73
CA LEU C 13 3.99 21.69 7.55
C LEU C 13 2.56 21.38 7.06
N ASN C 14 1.67 22.40 7.03
CA ASN C 14 0.29 22.27 6.54
C ASN C 14 0.01 23.18 5.32
N SER C 15 1.05 23.92 4.87
CA SER C 15 1.03 24.87 3.76
C SER C 15 0.66 24.25 2.40
N PRO C 16 -0.11 24.95 1.53
CA PRO C 16 -0.43 24.37 0.22
C PRO C 16 0.76 24.40 -0.76
N ASP C 17 1.82 25.15 -0.39
CA ASP C 17 3.08 25.25 -1.14
C ASP C 17 3.94 24.06 -0.70
N GLN C 18 4.07 23.06 -1.57
CA GLN C 18 4.82 21.83 -1.31
C GLN C 18 6.33 22.05 -1.14
N GLN C 19 6.89 23.11 -1.76
CA GLN C 19 8.29 23.48 -1.66
C GLN C 19 8.57 24.02 -0.24
N GLU C 20 7.72 24.97 0.24
CA GLU C 20 7.81 25.56 1.58
C GLU C 20 7.62 24.49 2.65
N LEU C 21 6.76 23.48 2.37
CA LEU C 21 6.49 22.35 3.25
C LEU C 21 7.75 21.49 3.35
N GLN C 22 8.30 21.04 2.19
CA GLN C 22 9.50 20.20 2.10
C GLN C 22 10.72 20.82 2.75
N SER C 23 10.96 22.13 2.51
CA SER C 23 12.07 22.89 3.09
C SER C 23 11.99 22.88 4.63
N ALA C 24 10.80 23.16 5.19
CA ALA C 24 10.55 23.18 6.63
C ALA C 24 10.65 21.77 7.23
N LEU C 25 10.15 20.76 6.48
CA LEU C 25 10.15 19.35 6.88
C LEU C 25 11.58 18.79 6.94
N ARG C 26 12.41 19.09 5.92
CA ARG C 26 13.81 18.65 5.85
C ARG C 26 14.63 19.26 6.98
N LYS C 27 14.39 20.55 7.31
CA LYS C 27 15.09 21.27 8.36
C LYS C 27 14.77 20.72 9.74
N LEU C 28 13.47 20.51 10.05
CA LEU C 28 13.02 19.95 11.33
C LEU C 28 13.59 18.55 11.53
N SER C 29 13.60 17.73 10.46
CA SER C 29 14.16 16.38 10.42
C SER C 29 15.69 16.41 10.70
N GLN C 30 16.40 17.45 10.18
CA GLN C 30 17.84 17.65 10.41
C GLN C 30 18.09 17.91 11.90
N ILE C 31 17.27 18.79 12.51
CA ILE C 31 17.34 19.15 13.93
C ILE C 31 16.98 17.94 14.81
N ALA C 32 15.94 17.18 14.44
CA ALA C 32 15.49 15.98 15.17
C ALA C 32 16.51 14.83 15.19
N SER C 33 17.56 14.89 14.35
CA SER C 33 18.59 13.86 14.28
C SER C 33 19.91 14.22 15.02
N GLY C 34 19.93 15.37 15.71
CA GLY C 34 21.12 15.84 16.41
C GLY C 34 21.08 15.92 17.92
N GLY C 35 20.69 14.83 18.57
CA GLY C 35 20.66 14.75 20.03
C GLY C 35 19.36 15.14 20.71
N ASN C 36 19.15 14.59 21.93
CA ASN C 36 17.98 14.76 22.80
C ASN C 36 17.54 16.22 23.03
N GLU C 37 18.51 17.12 23.26
CA GLU C 37 18.28 18.54 23.49
C GLU C 37 17.65 19.20 22.25
N GLN C 38 18.14 18.83 21.04
CA GLN C 38 17.63 19.32 19.77
C GLN C 38 16.27 18.69 19.47
N ILE C 39 16.07 17.41 19.86
CA ILE C 39 14.81 16.66 19.74
C ILE C 39 13.73 17.38 20.58
N GLN C 40 14.08 17.76 21.83
CA GLN C 40 13.18 18.47 22.76
C GLN C 40 12.70 19.80 22.19
N ALA C 41 13.60 20.53 21.48
CA ALA C 41 13.29 21.81 20.83
C ALA C 41 12.23 21.63 19.74
N VAL C 42 12.30 20.50 18.98
CA VAL C 42 11.36 20.13 17.91
C VAL C 42 9.97 19.84 18.53
N ILE C 43 9.93 19.10 19.66
CA ILE C 43 8.70 18.75 20.39
C ILE C 43 8.05 20.03 20.96
N ASP C 44 8.87 20.92 21.57
CA ASP C 44 8.44 22.19 22.17
C ASP C 44 7.80 23.16 21.16
N ALA C 45 8.21 23.07 19.88
CA ALA C 45 7.68 23.88 18.78
C ALA C 45 6.32 23.35 18.24
N GLY C 46 5.87 22.21 18.79
CA GLY C 46 4.62 21.55 18.42
C GLY C 46 4.62 20.80 17.11
N ALA C 47 5.78 20.25 16.72
CA ALA C 47 5.98 19.52 15.46
C ALA C 47 5.31 18.14 15.37
N LEU C 48 5.21 17.42 16.51
CA LEU C 48 4.65 16.06 16.55
C LEU C 48 3.21 15.93 15.98
N PRO C 49 2.17 16.74 16.36
CA PRO C 49 0.86 16.57 15.73
C PRO C 49 0.87 16.80 14.22
N ALA C 50 1.75 17.72 13.75
CA ALA C 50 1.92 18.04 12.35
C ALA C 50 2.60 16.89 11.60
N LEU C 51 3.69 16.33 12.18
CA LEU C 51 4.43 15.20 11.60
C LEU C 51 3.56 13.94 11.47
N VAL C 52 2.71 13.68 12.48
CA VAL C 52 1.80 12.53 12.52
C VAL C 52 0.78 12.61 11.37
N GLN C 53 0.16 13.81 11.16
CA GLN C 53 -0.78 14.07 10.07
C GLN C 53 -0.13 13.78 8.70
N LEU C 54 1.17 14.12 8.56
CA LEU C 54 1.96 13.87 7.34
C LEU C 54 2.13 12.39 7.02
N LEU C 55 1.82 11.49 7.97
CA LEU C 55 1.90 10.05 7.75
C LEU C 55 0.72 9.53 6.91
N SER C 56 -0.31 10.36 6.71
CA SER C 56 -1.50 10.05 5.89
C SER C 56 -1.30 10.49 4.43
N SER C 57 -0.19 11.18 4.14
CA SER C 57 0.14 11.72 2.82
C SER C 57 0.44 10.68 1.74
N PRO C 58 -0.12 10.84 0.51
CA PRO C 58 0.20 9.90 -0.58
C PRO C 58 1.55 10.25 -1.22
N ASN C 59 2.17 11.36 -0.77
CA ASN C 59 3.45 11.86 -1.23
C ASN C 59 4.58 11.16 -0.49
N GLU C 60 5.35 10.33 -1.22
CA GLU C 60 6.47 9.56 -0.68
C GLU C 60 7.63 10.43 -0.25
N GLN C 61 7.82 11.60 -0.90
CA GLN C 61 8.88 12.55 -0.58
C GLN C 61 8.63 13.17 0.81
N ILE C 62 7.35 13.47 1.11
CA ILE C 62 6.90 14.00 2.40
C ILE C 62 6.99 12.89 3.46
N LEU C 63 6.37 11.74 3.16
CA LEU C 63 6.29 10.54 4.02
C LEU C 63 7.67 10.04 4.48
N GLN C 64 8.66 9.96 3.57
CA GLN C 64 10.03 9.52 3.88
C GLN C 64 10.76 10.44 4.84
N GLU C 65 10.49 11.75 4.77
CA GLU C 65 11.13 12.72 5.65
C GLU C 65 10.47 12.76 7.03
N ALA C 66 9.13 12.63 7.07
CA ALA C 66 8.33 12.61 8.30
C ALA C 66 8.61 11.38 9.16
N LEU C 67 8.79 10.19 8.51
CA LEU C 67 9.09 8.93 9.19
C LEU C 67 10.48 8.96 9.82
N TRP C 68 11.47 9.49 9.09
CA TRP C 68 12.86 9.66 9.54
C TRP C 68 12.89 10.57 10.77
N ALA C 69 12.17 11.72 10.71
CA ALA C 69 12.04 12.69 11.79
C ALA C 69 11.40 12.06 13.03
N LEU C 70 10.29 11.29 12.83
CA LEU C 70 9.59 10.62 13.92
C LEU C 70 10.39 9.47 14.56
N SER C 71 11.16 8.72 13.75
CA SER C 71 12.01 7.63 14.22
C SER C 71 13.13 8.18 15.11
N ASN C 72 13.69 9.35 14.73
CA ASN C 72 14.76 10.01 15.48
C ASN C 72 14.24 10.64 16.78
N ILE C 73 12.97 11.15 16.79
CA ILE C 73 12.37 11.72 18.01
C ILE C 73 12.12 10.56 19.01
N ALA C 74 11.71 9.39 18.49
CA ALA C 74 11.48 8.17 19.27
C ALA C 74 12.81 7.49 19.71
N SER C 75 13.97 8.03 19.29
CA SER C 75 15.29 7.52 19.68
C SER C 75 15.82 8.24 20.94
N GLY C 76 15.04 9.19 21.43
CA GLY C 76 15.37 9.93 22.64
C GLY C 76 14.92 9.17 23.88
N GLY C 77 14.68 9.91 24.96
CA GLY C 77 14.22 9.32 26.22
C GLY C 77 12.82 8.75 26.18
N ASN C 78 12.40 8.10 27.26
CA ASN C 78 11.06 7.49 27.39
C ASN C 78 9.95 8.54 27.33
N GLU C 79 10.22 9.76 27.85
CA GLU C 79 9.29 10.90 27.83
C GLU C 79 9.06 11.41 26.40
N GLN C 80 10.10 11.34 25.55
CA GLN C 80 10.03 11.78 24.15
C GLN C 80 9.29 10.74 23.30
N ILE C 81 9.37 9.45 23.70
CA ILE C 81 8.66 8.33 23.09
C ILE C 81 7.16 8.50 23.43
N GLN C 82 6.87 8.85 24.70
CA GLN C 82 5.52 9.08 25.20
C GLN C 82 4.85 10.24 24.44
N ALA C 83 5.63 11.29 24.13
CA ALA C 83 5.18 12.45 23.35
C ALA C 83 4.78 12.04 21.93
N VAL C 84 5.52 11.07 21.33
CA VAL C 84 5.26 10.50 19.99
C VAL C 84 3.93 9.71 20.04
N ILE C 85 3.74 8.91 21.12
CA ILE C 85 2.53 8.10 21.37
C ILE C 85 1.30 9.00 21.54
N ASP C 86 1.40 10.03 22.41
CA ASP C 86 0.32 10.98 22.70
C ASP C 86 -0.14 11.77 21.45
N ALA C 87 0.78 11.94 20.47
CA ALA C 87 0.50 12.61 19.20
C ALA C 87 -0.33 11.73 18.23
N GLY C 88 -0.44 10.44 18.54
CA GLY C 88 -1.21 9.46 17.77
C GLY C 88 -0.45 8.85 16.61
N ALA C 89 0.87 8.65 16.79
CA ALA C 89 1.75 8.08 15.75
C ALA C 89 1.59 6.58 15.55
N LEU C 90 1.27 5.83 16.63
CA LEU C 90 1.15 4.36 16.59
C LEU C 90 0.11 3.83 15.57
N PRO C 91 -1.16 4.32 15.50
CA PRO C 91 -2.08 3.77 14.48
C PRO C 91 -1.59 4.03 13.03
N ALA C 92 -1.01 5.22 12.79
CA ALA C 92 -0.47 5.59 11.47
C ALA C 92 0.75 4.74 11.08
N LEU C 93 1.61 4.37 12.04
CA LEU C 93 2.81 3.54 11.81
C LEU C 93 2.44 2.10 11.50
N VAL C 94 1.50 1.51 12.28
CA VAL C 94 1.02 0.13 12.11
C VAL C 94 0.34 -0.02 10.74
N GLN C 95 -0.41 1.02 10.30
CA GLN C 95 -1.08 1.06 9.01
C GLN C 95 -0.06 0.98 7.84
N LEU C 96 1.16 1.54 8.04
CA LEU C 96 2.23 1.52 7.04
C LEU C 96 2.96 0.17 6.95
N LEU C 97 2.64 -0.79 7.84
CA LEU C 97 3.27 -2.11 7.84
C LEU C 97 2.78 -3.01 6.70
N SER C 98 1.66 -2.64 6.05
CA SER C 98 1.10 -3.38 4.91
C SER C 98 1.53 -2.76 3.57
N SER C 99 2.49 -1.83 3.62
CA SER C 99 3.01 -1.13 2.44
C SER C 99 3.88 -2.01 1.52
N PRO C 100 3.61 -2.01 0.18
CA PRO C 100 4.49 -2.74 -0.73
C PRO C 100 5.80 -1.98 -1.02
N ASN C 101 5.91 -0.73 -0.51
CA ASN C 101 7.06 0.14 -0.62
C ASN C 101 8.05 -0.23 0.49
N GLU C 102 9.18 -0.85 0.10
CA GLU C 102 10.23 -1.32 1.01
C GLU C 102 10.89 -0.21 1.82
N GLN C 103 11.08 0.97 1.22
CA GLN C 103 11.69 2.12 1.90
C GLN C 103 10.79 2.60 3.06
N ILE C 104 9.47 2.77 2.78
CA ILE C 104 8.44 3.18 3.75
C ILE C 104 8.26 2.11 4.85
N LEU C 105 8.20 0.83 4.44
CA LEU C 105 8.03 -0.30 5.35
C LEU C 105 9.19 -0.36 6.36
N GLN C 106 10.44 -0.16 5.88
CA GLN C 106 11.64 -0.16 6.70
C GLN C 106 11.65 0.98 7.72
N GLU C 107 11.24 2.20 7.30
CA GLU C 107 11.19 3.39 8.18
C GLU C 107 10.12 3.25 9.25
N ALA C 108 8.96 2.64 8.91
CA ALA C 108 7.87 2.37 9.86
C ALA C 108 8.30 1.34 10.90
N LEU C 109 9.07 0.31 10.48
CA LEU C 109 9.60 -0.74 11.37
C LEU C 109 10.61 -0.14 12.33
N TRP C 110 11.45 0.81 11.85
CA TRP C 110 12.45 1.53 12.64
C TRP C 110 11.81 2.46 13.67
N ALA C 111 10.71 3.15 13.29
CA ALA C 111 9.95 4.03 14.18
C ALA C 111 9.29 3.24 15.31
N LEU C 112 8.71 2.08 14.98
CA LEU C 112 8.06 1.19 15.94
C LEU C 112 9.08 0.49 16.84
N SER C 113 10.24 0.12 16.29
CA SER C 113 11.35 -0.52 17.00
C SER C 113 11.86 0.40 18.12
N ASN C 114 11.96 1.71 17.84
CA ASN C 114 12.40 2.72 18.80
C ASN C 114 11.37 2.98 19.92
N ILE C 115 10.06 2.93 19.61
CA ILE C 115 8.98 3.11 20.59
C ILE C 115 8.95 1.86 21.52
N ALA C 116 9.17 0.68 20.92
CA ALA C 116 9.22 -0.61 21.61
C ALA C 116 10.48 -0.77 22.50
N SER C 117 11.42 0.19 22.42
CA SER C 117 12.65 0.20 23.25
C SER C 117 12.40 0.91 24.60
N GLY C 118 11.22 1.52 24.74
CA GLY C 118 10.83 2.23 25.95
C GLY C 118 10.30 1.32 27.03
N GLY C 119 9.48 1.89 27.93
CA GLY C 119 8.87 1.19 29.06
C GLY C 119 7.85 0.14 28.66
N ASN C 120 7.47 -0.72 29.63
CA ASN C 120 6.51 -1.81 29.45
C ASN C 120 5.15 -1.35 28.92
N GLU C 121 4.64 -0.21 29.42
CA GLU C 121 3.35 0.33 28.97
C GLU C 121 3.44 0.96 27.58
N GLN C 122 4.65 1.35 27.15
CA GLN C 122 4.89 1.92 25.83
C GLN C 122 4.98 0.78 24.80
N ILE C 123 5.50 -0.40 25.23
CA ILE C 123 5.61 -1.63 24.44
C ILE C 123 4.18 -2.17 24.22
N GLN C 124 3.36 -2.17 25.29
CA GLN C 124 1.97 -2.62 25.29
C GLN C 124 1.12 -1.73 24.37
N ALA C 125 1.48 -0.43 24.28
CA ALA C 125 0.82 0.54 23.40
C ALA C 125 1.05 0.17 21.93
N VAL C 126 2.23 -0.42 21.61
CA VAL C 126 2.59 -0.91 20.27
C VAL C 126 1.75 -2.17 19.96
N ILE C 127 1.59 -3.07 20.95
CA ILE C 127 0.82 -4.32 20.85
C ILE C 127 -0.67 -4.02 20.62
N ASP C 128 -1.24 -3.08 21.41
CA ASP C 128 -2.63 -2.64 21.32
C ASP C 128 -2.98 -2.00 19.98
N ALA C 129 -1.99 -1.37 19.32
CA ALA C 129 -2.14 -0.76 18.00
C ALA C 129 -2.21 -1.81 16.86
N GLY C 130 -1.88 -3.07 17.19
CA GLY C 130 -1.95 -4.22 16.29
C GLY C 130 -0.74 -4.45 15.41
N ALA C 131 0.47 -4.26 15.96
CA ALA C 131 1.72 -4.43 15.21
C ALA C 131 2.23 -5.87 15.11
N LEU C 132 2.04 -6.68 16.17
CA LEU C 132 2.54 -8.06 16.26
C LEU C 132 2.15 -8.98 15.09
N PRO C 133 0.88 -9.10 14.61
CA PRO C 133 0.60 -10.01 13.48
C PRO C 133 1.43 -9.70 12.23
N ALA C 134 1.62 -8.42 11.91
CA ALA C 134 2.43 -7.98 10.77
C ALA C 134 3.91 -8.34 10.98
N LEU C 135 4.42 -8.20 12.22
CA LEU C 135 5.81 -8.49 12.58
C LEU C 135 6.19 -9.95 12.46
N VAL C 136 5.32 -10.85 12.98
CA VAL C 136 5.50 -12.32 12.94
C VAL C 136 5.51 -12.82 11.48
N GLN C 137 4.66 -12.21 10.62
CA GLN C 137 4.60 -12.58 9.20
C GLN C 137 5.84 -12.13 8.42
N LEU C 138 6.43 -10.97 8.79
CA LEU C 138 7.65 -10.45 8.15
C LEU C 138 8.90 -11.28 8.48
N LEU C 139 8.79 -12.23 9.44
CA LEU C 139 9.89 -13.15 9.80
C LEU C 139 10.12 -14.21 8.70
N SER C 140 9.13 -14.39 7.79
CA SER C 140 9.16 -15.32 6.66
C SER C 140 9.56 -14.61 5.36
N SER C 141 9.83 -13.30 5.42
CA SER C 141 10.20 -12.49 4.26
C SER C 141 11.59 -12.86 3.71
N PRO C 142 11.71 -13.04 2.38
CA PRO C 142 13.03 -13.35 1.80
C PRO C 142 13.97 -12.15 1.76
N ASN C 143 13.43 -10.93 2.00
CA ASN C 143 14.17 -9.68 2.04
C ASN C 143 14.82 -9.53 3.42
N GLU C 144 16.15 -9.72 3.50
CA GLU C 144 16.97 -9.64 4.72
C GLU C 144 16.86 -8.30 5.44
N GLN C 145 16.81 -7.19 4.67
CA GLN C 145 16.69 -5.83 5.21
C GLN C 145 15.41 -5.68 6.05
N ILE C 146 14.25 -6.14 5.52
CA ILE C 146 12.95 -6.10 6.20
C ILE C 146 12.95 -7.06 7.40
N LEU C 147 13.39 -8.31 7.17
CA LEU C 147 13.50 -9.39 8.16
C LEU C 147 14.27 -8.96 9.42
N GLN C 148 15.41 -8.24 9.24
CA GLN C 148 16.22 -7.73 10.34
C GLN C 148 15.54 -6.61 11.11
N GLU C 149 14.90 -5.67 10.41
CA GLU C 149 14.17 -4.56 11.04
C GLU C 149 12.99 -5.08 11.86
N ALA C 150 12.27 -6.08 11.31
CA ALA C 150 11.13 -6.74 11.96
C ALA C 150 11.60 -7.50 13.21
N LEU C 151 12.76 -8.18 13.12
CA LEU C 151 13.37 -8.91 14.23
C LEU C 151 13.79 -7.98 15.36
N TRP C 152 14.40 -6.82 15.01
CA TRP C 152 14.83 -5.80 15.96
C TRP C 152 13.65 -5.23 16.74
N ALA C 153 12.50 -4.99 16.04
CA ALA C 153 11.27 -4.49 16.63
C ALA C 153 10.65 -5.54 17.56
N LEU C 154 10.61 -6.81 17.12
CA LEU C 154 10.09 -7.95 17.87
C LEU C 154 10.92 -8.22 19.12
N SER C 155 12.27 -8.08 19.02
CA SER C 155 13.21 -8.26 20.13
C SER C 155 12.93 -7.22 21.21
N ASN C 156 12.64 -5.97 20.81
CA ASN C 156 12.34 -4.88 21.74
C ASN C 156 10.97 -5.06 22.43
N ILE C 157 9.99 -5.68 21.73
CA ILE C 157 8.68 -5.97 22.29
C ILE C 157 8.79 -7.09 23.33
N ALA C 158 9.58 -8.14 23.01
CA ALA C 158 9.82 -9.29 23.86
C ALA C 158 10.67 -8.96 25.11
N SER C 159 11.23 -7.74 25.20
CA SER C 159 12.02 -7.29 26.36
C SER C 159 11.15 -6.65 27.47
N GLY C 160 9.83 -6.64 27.26
CA GLY C 160 8.87 -6.11 28.21
C GLY C 160 8.53 -7.08 29.33
N GLY C 161 7.39 -6.87 29.96
CA GLY C 161 6.92 -7.71 31.06
C GLY C 161 6.20 -8.96 30.60
N ASN C 162 5.56 -9.66 31.55
CA ASN C 162 4.79 -10.89 31.37
C ASN C 162 3.72 -10.74 30.28
N GLU C 163 2.87 -9.71 30.36
CA GLU C 163 1.80 -9.41 29.40
C GLU C 163 2.34 -9.21 27.98
N GLN C 164 3.46 -8.47 27.85
CA GLN C 164 4.11 -8.16 26.58
C GLN C 164 4.72 -9.40 25.92
N ILE C 165 5.45 -10.21 26.72
CA ILE C 165 6.07 -11.47 26.27
C ILE C 165 4.99 -12.48 25.87
N GLN C 166 3.89 -12.57 26.65
CA GLN C 166 2.78 -13.48 26.37
C GLN C 166 2.11 -13.15 25.04
N ALA C 167 1.98 -11.85 24.71
CA ALA C 167 1.40 -11.39 23.45
C ALA C 167 2.27 -11.83 22.26
N VAL C 168 3.61 -11.80 22.42
CA VAL C 168 4.61 -12.23 21.44
C VAL C 168 4.45 -13.74 21.17
N ILE C 169 4.36 -14.55 22.24
CA ILE C 169 4.18 -16.01 22.18
C ILE C 169 2.85 -16.34 21.48
N ASP C 170 1.75 -15.72 21.94
CA ASP C 170 0.40 -15.91 21.41
C ASP C 170 0.26 -15.53 19.95
N ALA C 171 1.16 -14.66 19.44
CA ALA C 171 1.20 -14.20 18.05
C ALA C 171 1.93 -15.20 17.14
N GLY C 172 2.41 -16.31 17.73
CA GLY C 172 3.10 -17.39 17.04
C GLY C 172 4.51 -17.07 16.58
N ALA C 173 5.26 -16.31 17.40
CA ALA C 173 6.63 -15.90 17.09
C ALA C 173 7.68 -16.98 17.33
N LEU C 174 7.50 -17.84 18.35
CA LEU C 174 8.47 -18.89 18.71
C LEU C 174 8.78 -19.90 17.57
N PRO C 175 7.80 -20.54 16.87
CA PRO C 175 8.18 -21.47 15.78
C PRO C 175 9.06 -20.84 14.70
N ALA C 176 8.79 -19.56 14.36
CA ALA C 176 9.56 -18.81 13.38
C ALA C 176 10.98 -18.49 13.87
N LEU C 177 11.13 -18.12 15.16
CA LEU C 177 12.41 -17.77 15.78
C LEU C 177 13.38 -18.95 15.91
N VAL C 178 12.85 -20.14 16.28
CA VAL C 178 13.63 -21.39 16.41
C VAL C 178 14.16 -21.82 15.03
N GLN C 179 13.34 -21.66 13.97
CA GLN C 179 13.71 -21.96 12.59
C GLN C 179 14.86 -21.07 12.10
N LEU C 180 14.90 -19.81 12.57
CA LEU C 180 15.95 -18.85 12.20
C LEU C 180 17.31 -19.15 12.85
N LEU C 181 17.37 -20.10 13.82
CA LEU C 181 18.61 -20.49 14.49
C LEU C 181 19.48 -21.36 13.57
N SER C 182 18.88 -21.94 12.51
CA SER C 182 19.55 -22.77 11.52
C SER C 182 20.02 -21.92 10.31
N SER C 183 19.85 -20.59 10.38
CA SER C 183 20.25 -19.66 9.32
C SER C 183 21.78 -19.48 9.25
N PRO C 184 22.37 -19.54 8.03
CA PRO C 184 23.81 -19.30 7.92
C PRO C 184 24.18 -17.81 7.91
N ASN C 185 23.17 -16.93 8.10
CA ASN C 185 23.31 -15.48 8.15
C ASN C 185 23.50 -15.09 9.62
N GLU C 186 24.75 -14.73 9.99
CA GLU C 186 25.16 -14.34 11.33
C GLU C 186 24.34 -13.21 11.95
N GLN C 187 23.93 -12.23 11.12
CA GLN C 187 23.11 -11.09 11.57
C GLN C 187 21.69 -11.51 11.97
N ILE C 188 21.02 -12.34 11.14
CA ILE C 188 19.67 -12.85 11.43
C ILE C 188 19.73 -13.77 12.64
N LEU C 189 20.75 -14.65 12.70
CA LEU C 189 21.00 -15.59 13.80
C LEU C 189 21.12 -14.85 15.13
N GLN C 190 21.98 -13.80 15.21
CA GLN C 190 22.20 -12.98 16.40
C GLN C 190 20.88 -12.36 16.90
N GLU C 191 20.14 -11.72 15.99
CA GLU C 191 18.86 -11.05 16.27
C GLU C 191 17.78 -12.03 16.73
N ALA C 192 17.76 -13.25 16.14
CA ALA C 192 16.82 -14.31 16.54
C ALA C 192 17.16 -14.76 17.96
N LEU C 193 18.46 -14.72 18.32
CA LEU C 193 18.94 -15.08 19.66
C LEU C 193 18.57 -13.97 20.67
N TRP C 194 18.54 -12.68 20.22
CA TRP C 194 18.14 -11.54 21.06
C TRP C 194 16.69 -11.69 21.50
N ALA C 195 15.79 -12.00 20.52
CA ALA C 195 14.35 -12.17 20.73
C ALA C 195 14.04 -13.37 21.63
N LEU C 196 14.74 -14.52 21.40
CA LEU C 196 14.56 -15.72 22.21
C LEU C 196 15.06 -15.53 23.63
N SER C 197 16.18 -14.78 23.82
CA SER C 197 16.75 -14.46 25.14
C SER C 197 15.76 -13.62 25.93
N ASN C 198 15.10 -12.66 25.26
CA ASN C 198 14.11 -11.75 25.83
C ASN C 198 12.84 -12.48 26.28
N ILE C 199 12.35 -13.46 25.49
CA ILE C 199 11.19 -14.29 25.86
C ILE C 199 11.60 -15.18 27.05
N ALA C 200 12.84 -15.72 27.00
CA ALA C 200 13.43 -16.56 28.05
C ALA C 200 13.77 -15.77 29.34
N SER C 201 13.67 -14.42 29.30
CA SER C 201 13.91 -13.56 30.47
C SER C 201 12.58 -13.30 31.22
N GLY C 202 11.52 -13.95 30.76
CA GLY C 202 10.19 -13.86 31.36
C GLY C 202 9.95 -14.93 32.40
N GLY C 203 8.67 -15.16 32.71
CA GLY C 203 8.24 -16.15 33.69
C GLY C 203 8.59 -17.57 33.31
N ASN C 204 8.55 -18.48 34.31
CA ASN C 204 8.84 -19.91 34.18
C ASN C 204 8.01 -20.58 33.08
N GLU C 205 6.72 -20.19 32.98
CA GLU C 205 5.77 -20.70 31.97
C GLU C 205 6.20 -20.25 30.56
N GLN C 206 6.73 -19.02 30.45
CA GLN C 206 7.20 -18.42 29.20
C GLN C 206 8.53 -19.03 28.74
N ILE C 207 9.40 -19.41 29.69
CA ILE C 207 10.68 -20.08 29.44
C ILE C 207 10.39 -21.49 28.91
N GLN C 208 9.37 -22.17 29.51
CA GLN C 208 8.94 -23.51 29.10
C GLN C 208 8.41 -23.51 27.67
N ALA C 209 7.74 -22.42 27.25
CA ALA C 209 7.22 -22.25 25.88
C ALA C 209 8.37 -22.26 24.86
N VAL C 210 9.53 -21.67 25.24
CA VAL C 210 10.77 -21.61 24.44
C VAL C 210 11.32 -23.04 24.26
N ILE C 211 11.30 -23.84 25.35
CA ILE C 211 11.73 -25.25 25.39
C ILE C 211 10.78 -26.09 24.52
N ASP C 212 9.45 -25.86 24.66
CA ASP C 212 8.40 -26.57 23.91
C ASP C 212 8.45 -26.28 22.39
N ALA C 213 9.07 -25.14 22.01
CA ALA C 213 9.25 -24.74 20.61
C ALA C 213 10.50 -25.41 19.99
N GLY C 214 11.30 -26.07 20.83
CA GLY C 214 12.48 -26.81 20.43
C GLY C 214 13.75 -25.98 20.24
N ALA C 215 13.94 -24.96 21.09
CA ALA C 215 15.10 -24.07 21.02
C ALA C 215 16.37 -24.64 21.62
N LEU C 216 16.25 -25.46 22.70
CA LEU C 216 17.39 -26.06 23.42
C LEU C 216 18.33 -26.90 22.52
N PRO C 217 17.87 -27.84 21.65
CA PRO C 217 18.85 -28.59 20.81
C PRO C 217 19.68 -27.69 19.90
N ALA C 218 19.08 -26.62 19.36
CA ALA C 218 19.77 -25.65 18.51
C ALA C 218 20.74 -24.79 19.33
N LEU C 219 20.33 -24.36 20.55
CA LEU C 219 21.14 -23.55 21.47
C LEU C 219 22.37 -24.30 21.98
N VAL C 220 22.23 -25.63 22.22
CA VAL C 220 23.32 -26.49 22.68
C VAL C 220 24.36 -26.64 21.57
N GLN C 221 23.91 -26.89 20.32
CA GLN C 221 24.77 -27.01 19.14
C GLN C 221 25.57 -25.74 18.87
N LEU C 222 24.98 -24.55 19.20
CA LEU C 222 25.62 -23.24 19.03
C LEU C 222 26.78 -22.98 20.00
N LEU C 223 26.91 -23.78 21.08
CA LEU C 223 28.01 -23.66 22.05
C LEU C 223 29.34 -24.15 21.45
N SER C 224 29.27 -25.00 20.40
CA SER C 224 30.42 -25.56 19.69
C SER C 224 30.86 -24.67 18.51
N SER C 225 30.18 -23.53 18.30
CA SER C 225 30.46 -22.57 17.22
C SER C 225 31.83 -21.89 17.41
N PRO C 226 32.66 -21.78 16.33
CA PRO C 226 33.96 -21.12 16.47
C PRO C 226 33.85 -19.59 16.57
N ASN C 227 32.66 -19.04 16.27
CA ASN C 227 32.33 -17.62 16.31
C ASN C 227 31.98 -17.22 17.75
N GLU C 228 32.88 -16.44 18.40
CA GLU C 228 32.76 -15.97 19.77
C GLU C 228 31.51 -15.12 20.04
N GLN C 229 31.08 -14.32 19.04
CA GLN C 229 29.88 -13.47 19.14
C GLN C 229 28.59 -14.29 19.20
N ILE C 230 28.46 -15.33 18.34
CA ILE C 230 27.29 -16.23 18.32
C ILE C 230 27.22 -17.00 19.64
N LEU C 231 28.38 -17.53 20.09
CA LEU C 231 28.55 -18.27 21.34
C LEU C 231 28.06 -17.46 22.54
N GLN C 232 28.42 -16.16 22.58
CA GLN C 232 28.01 -15.22 23.64
C GLN C 232 26.49 -15.06 23.66
N GLU C 233 25.87 -14.87 22.48
CA GLU C 233 24.41 -14.72 22.33
C GLU C 233 23.67 -15.99 22.73
N ALA C 234 24.22 -17.17 22.36
CA ALA C 234 23.68 -18.48 22.70
C ALA C 234 23.77 -18.73 24.20
N LEU C 235 24.88 -18.26 24.84
CA LEU C 235 25.11 -18.37 26.29
C LEU C 235 24.09 -17.56 27.08
N TRP C 236 23.81 -16.32 26.63
CA TRP C 236 22.85 -15.43 27.27
C TRP C 236 21.43 -16.00 27.23
N ALA C 237 21.06 -16.69 26.12
CA ALA C 237 19.75 -17.33 25.94
C ALA C 237 19.62 -18.54 26.87
N LEU C 238 20.68 -19.37 26.96
CA LEU C 238 20.71 -20.56 27.83
C LEU C 238 20.74 -20.21 29.31
N SER C 239 21.51 -19.16 29.69
CA SER C 239 21.62 -18.69 31.08
C SER C 239 20.27 -18.17 31.59
N ASN C 240 19.48 -17.53 30.70
CA ASN C 240 18.14 -17.03 31.00
C ASN C 240 17.16 -18.18 31.24
N ILE C 241 17.25 -19.25 30.40
CA ILE C 241 16.44 -20.45 30.52
C ILE C 241 16.77 -21.15 31.85
N ALA C 242 18.07 -21.17 32.21
CA ALA C 242 18.61 -21.74 33.45
C ALA C 242 18.10 -20.99 34.70
N SER C 243 17.73 -19.69 34.56
CA SER C 243 17.19 -18.86 35.65
C SER C 243 15.72 -19.21 36.03
N GLY C 244 15.11 -20.12 35.27
CA GLY C 244 13.73 -20.55 35.50
C GLY C 244 13.58 -21.50 36.66
N GLY C 245 12.50 -22.27 36.64
CA GLY C 245 12.19 -23.26 37.67
C GLY C 245 12.94 -24.57 37.50
N ASN C 246 12.65 -25.55 38.39
CA ASN C 246 13.26 -26.87 38.39
C ASN C 246 13.00 -27.67 37.11
N GLU C 247 11.76 -27.55 36.56
CA GLU C 247 11.32 -28.20 35.32
C GLU C 247 12.16 -27.69 34.13
N GLN C 248 12.41 -26.38 34.09
CA GLN C 248 13.18 -25.70 33.05
C GLN C 248 14.67 -26.06 33.11
N LYS C 249 15.26 -26.06 34.33
CA LYS C 249 16.68 -26.41 34.56
C LYS C 249 16.97 -27.85 34.14
N GLN C 250 16.03 -28.77 34.43
CA GLN C 250 16.12 -30.20 34.09
C GLN C 250 16.14 -30.41 32.58
N ALA C 251 15.35 -29.63 31.83
CA ALA C 251 15.25 -29.67 30.36
C ALA C 251 16.59 -29.31 29.71
N VAL C 252 17.33 -28.34 30.30
CA VAL C 252 18.66 -27.89 29.84
C VAL C 252 19.66 -29.06 30.02
N LYS C 253 19.57 -29.76 31.17
CA LYS C 253 20.41 -30.92 31.52
C LYS C 253 20.20 -32.07 30.54
N GLU C 254 18.93 -32.31 30.12
CA GLU C 254 18.54 -33.36 29.18
C GLU C 254 19.09 -33.12 27.77
N ALA C 255 19.31 -31.84 27.40
CA ALA C 255 19.82 -31.42 26.10
C ALA C 255 21.35 -31.51 25.94
N GLY C 256 22.02 -31.96 27.01
CA GLY C 256 23.48 -32.15 27.04
C GLY C 256 24.28 -30.86 27.09
N ALA C 257 23.76 -29.84 27.78
CA ALA C 257 24.41 -28.53 27.91
C ALA C 257 25.51 -28.49 28.98
N LEU C 258 25.43 -29.35 30.03
CA LEU C 258 26.41 -29.38 31.13
C LEU C 258 27.84 -29.66 30.66
N GLU C 259 28.03 -30.65 29.76
CA GLU C 259 29.34 -31.02 29.23
C GLU C 259 29.99 -29.90 28.40
N LYS C 260 29.18 -29.12 27.66
CA LYS C 260 29.68 -27.99 26.87
C LYS C 260 30.00 -26.79 27.76
N LEU C 261 29.15 -26.55 28.79
CA LEU C 261 29.35 -25.47 29.77
C LEU C 261 30.60 -25.69 30.62
N GLU C 262 30.90 -26.97 30.96
CA GLU C 262 32.10 -27.37 31.73
C GLU C 262 33.37 -27.06 30.96
N GLN C 263 33.35 -27.20 29.62
CA GLN C 263 34.47 -26.93 28.73
C GLN C 263 34.65 -25.43 28.51
N LEU C 264 33.53 -24.70 28.37
CA LEU C 264 33.51 -23.25 28.12
C LEU C 264 33.89 -22.38 29.31
N GLN C 265 33.89 -22.95 30.54
CA GLN C 265 34.30 -22.18 31.72
C GLN C 265 35.84 -22.04 31.82
N SER C 266 36.56 -22.44 30.75
CA SER C 266 38.02 -22.36 30.62
C SER C 266 38.44 -21.60 29.34
N HIS C 267 37.44 -21.07 28.61
CA HIS C 267 37.60 -20.29 27.36
C HIS C 267 38.41 -19.01 27.62
N GLU C 268 39.33 -18.67 26.70
CA GLU C 268 40.22 -17.50 26.80
C GLU C 268 39.47 -16.17 26.93
N ASN C 269 38.30 -16.04 26.27
CA ASN C 269 37.45 -14.86 26.31
C ASN C 269 36.76 -14.78 27.69
N GLU C 270 37.08 -13.72 28.45
CA GLU C 270 36.57 -13.47 29.80
C GLU C 270 35.05 -13.38 29.90
N LYS C 271 34.42 -12.74 28.89
CA LYS C 271 32.96 -12.58 28.81
C LYS C 271 32.26 -13.93 28.68
N ILE C 272 32.82 -14.84 27.83
CA ILE C 272 32.32 -16.20 27.59
C ILE C 272 32.44 -17.07 28.85
N GLN C 273 33.60 -16.99 29.53
CA GLN C 273 33.92 -17.73 30.75
C GLN C 273 32.95 -17.41 31.90
N LYS C 274 32.70 -16.11 32.17
CA LYS C 274 31.83 -15.64 33.24
C LYS C 274 30.38 -16.14 33.08
N GLU C 275 29.83 -16.06 31.85
CA GLU C 275 28.46 -16.51 31.56
C GLU C 275 28.34 -18.04 31.60
N ALA C 276 29.40 -18.75 31.18
CA ALA C 276 29.46 -20.22 31.22
C ALA C 276 29.42 -20.72 32.67
N GLN C 277 30.14 -20.01 33.57
CA GLN C 277 30.20 -20.28 35.00
C GLN C 277 28.86 -19.97 35.66
N GLU C 278 28.26 -18.80 35.32
CA GLU C 278 26.96 -18.36 35.84
C GLU C 278 25.84 -19.33 35.50
N ALA C 279 25.74 -19.74 34.22
CA ALA C 279 24.73 -20.69 33.72
C ALA C 279 24.87 -22.07 34.38
N LEU C 280 26.12 -22.54 34.56
CA LEU C 280 26.46 -23.82 35.19
C LEU C 280 26.05 -23.83 36.67
N GLU C 281 26.26 -22.70 37.38
CA GLU C 281 25.89 -22.52 38.79
C GLU C 281 24.37 -22.56 38.97
N LYS C 282 23.61 -21.97 38.01
CA LYS C 282 22.14 -21.94 38.02
C LYS C 282 21.56 -23.35 37.94
N LEU C 283 22.16 -24.21 37.10
CA LEU C 283 21.73 -25.60 36.91
C LEU C 283 22.15 -26.48 38.09
N GLN C 284 23.33 -26.23 38.68
CA GLN C 284 23.86 -26.98 39.81
C GLN C 284 23.19 -26.63 41.16
N SER C 285 22.40 -25.54 41.19
CA SER C 285 21.66 -25.09 42.39
C SER C 285 20.15 -25.24 42.19
N GLU D 5 44.67 2.71 20.15
CA GLU D 5 45.26 3.25 18.93
C GLU D 5 44.74 2.53 17.68
N LEU D 6 44.70 3.25 16.54
CA LEU D 6 44.21 2.75 15.25
C LEU D 6 45.01 1.56 14.66
N PRO D 7 46.39 1.50 14.67
CA PRO D 7 47.07 0.32 14.11
C PRO D 7 46.76 -0.99 14.83
N GLN D 8 46.39 -0.91 16.13
CA GLN D 8 45.99 -2.06 16.96
C GLN D 8 44.69 -2.67 16.41
N MET D 9 43.72 -1.80 16.05
CA MET D 9 42.41 -2.17 15.49
C MET D 9 42.56 -2.87 14.13
N VAL D 10 43.51 -2.37 13.29
CA VAL D 10 43.82 -2.93 11.96
C VAL D 10 44.37 -4.36 12.13
N GLN D 11 45.24 -4.56 13.13
CA GLN D 11 45.82 -5.87 13.47
C GLN D 11 44.76 -6.82 14.05
N GLN D 12 43.71 -6.26 14.70
CA GLN D 12 42.60 -7.03 15.29
C GLN D 12 41.57 -7.49 14.24
N LEU D 13 41.69 -7.04 12.98
CA LEU D 13 40.79 -7.41 11.88
C LEU D 13 41.03 -8.84 11.36
N ASN D 14 42.14 -9.47 11.77
CA ASN D 14 42.48 -10.85 11.43
C ASN D 14 42.63 -11.73 12.70
N SER D 15 41.96 -11.30 13.79
CA SER D 15 41.95 -11.97 15.10
C SER D 15 41.05 -13.21 15.07
N PRO D 16 41.46 -14.33 15.73
CA PRO D 16 40.60 -15.53 15.77
C PRO D 16 39.34 -15.35 16.61
N ASP D 17 39.35 -14.39 17.57
CA ASP D 17 38.21 -14.06 18.42
C ASP D 17 37.30 -13.08 17.68
N GLN D 18 36.06 -13.52 17.37
CA GLN D 18 35.06 -12.73 16.64
C GLN D 18 34.64 -11.45 17.38
N GLN D 19 34.47 -11.52 18.71
CA GLN D 19 34.11 -10.37 19.55
C GLN D 19 35.17 -9.27 19.44
N GLU D 20 36.46 -9.66 19.48
CA GLU D 20 37.62 -8.78 19.35
C GLU D 20 37.67 -8.15 17.95
N LEU D 21 37.40 -8.97 16.90
CA LEU D 21 37.38 -8.57 15.49
C LEU D 21 36.26 -7.55 15.22
N GLN D 22 35.01 -7.89 15.59
CA GLN D 22 33.82 -7.06 15.40
C GLN D 22 33.92 -5.71 16.12
N SER D 23 34.50 -5.68 17.33
CA SER D 23 34.68 -4.46 18.13
C SER D 23 35.60 -3.46 17.42
N ALA D 24 36.75 -3.93 16.92
CA ALA D 24 37.73 -3.13 16.18
C ALA D 24 37.14 -2.66 14.84
N LEU D 25 36.31 -3.52 14.21
CA LEU D 25 35.63 -3.24 12.94
C LEU D 25 34.57 -2.15 13.13
N ARG D 26 33.75 -2.25 14.20
CA ARG D 26 32.71 -1.28 14.55
C ARG D 26 33.32 0.08 14.91
N LYS D 27 34.47 0.09 15.62
CA LYS D 27 35.16 1.31 16.02
C LYS D 27 35.75 2.04 14.83
N LEU D 28 36.36 1.30 13.89
CA LEU D 28 36.95 1.84 12.65
C LEU D 28 35.90 2.47 11.74
N SER D 29 34.69 1.87 11.66
CA SER D 29 33.58 2.37 10.85
C SER D 29 32.99 3.64 11.47
N GLN D 30 32.93 3.68 12.83
CA GLN D 30 32.44 4.82 13.62
C GLN D 30 33.34 6.03 13.40
N ILE D 31 34.68 5.83 13.47
CA ILE D 31 35.69 6.88 13.26
C ILE D 31 35.62 7.38 11.79
N ALA D 32 35.40 6.45 10.84
CA ALA D 32 35.27 6.73 9.41
C ALA D 32 34.05 7.60 9.04
N SER D 33 33.08 7.75 9.96
CA SER D 33 31.88 8.56 9.73
C SER D 33 31.93 9.91 10.47
N GLY D 34 33.11 10.29 10.96
CA GLY D 34 33.31 11.51 11.72
C GLY D 34 34.16 12.60 11.09
N GLY D 35 34.12 12.71 9.77
CA GLY D 35 34.87 13.74 9.05
C GLY D 35 36.11 13.25 8.33
N ASN D 36 36.58 14.05 7.35
CA ASN D 36 37.75 13.82 6.50
C ASN D 36 39.06 13.63 7.27
N GLU D 37 39.22 14.34 8.41
CA GLU D 37 40.41 14.27 9.27
C GLU D 37 40.51 12.86 9.88
N GLN D 38 39.38 12.34 10.38
CA GLN D 38 39.25 11.02 10.97
C GLN D 38 39.33 9.91 9.90
N ILE D 39 38.81 10.18 8.68
CA ILE D 39 38.87 9.24 7.53
C ILE D 39 40.34 9.01 7.15
N GLN D 40 41.13 10.10 7.04
CA GLN D 40 42.55 10.06 6.70
C GLN D 40 43.34 9.25 7.73
N ALA D 41 43.00 9.40 9.03
CA ALA D 41 43.62 8.67 10.14
C ALA D 41 43.40 7.15 10.01
N VAL D 42 42.23 6.73 9.49
CA VAL D 42 41.86 5.33 9.26
C VAL D 42 42.68 4.78 8.08
N ILE D 43 42.83 5.57 6.99
CA ILE D 43 43.62 5.25 5.80
C ILE D 43 45.11 5.08 6.17
N ASP D 44 45.66 6.06 6.93
CA ASP D 44 47.06 6.07 7.39
C ASP D 44 47.42 4.88 8.29
N ALA D 45 46.43 4.28 8.97
CA ALA D 45 46.63 3.11 9.83
C ALA D 45 46.75 1.81 9.04
N GLY D 46 46.42 1.88 7.74
CA GLY D 46 46.47 0.75 6.82
C GLY D 46 45.24 -0.14 6.86
N ALA D 47 44.06 0.45 7.14
CA ALA D 47 42.79 -0.27 7.26
C ALA D 47 42.18 -0.73 5.94
N LEU D 48 42.34 0.06 4.85
CA LEU D 48 41.76 -0.23 3.52
C LEU D 48 42.07 -1.64 2.95
N PRO D 49 43.33 -2.16 2.91
CA PRO D 49 43.53 -3.53 2.36
C PRO D 49 42.81 -4.60 3.17
N ALA D 50 42.77 -4.44 4.51
CA ALA D 50 42.09 -5.34 5.44
C ALA D 50 40.57 -5.29 5.27
N LEU D 51 39.99 -4.08 5.04
CA LEU D 51 38.56 -3.88 4.83
C LEU D 51 38.08 -4.53 3.52
N VAL D 52 38.86 -4.37 2.43
CA VAL D 52 38.58 -4.95 1.11
C VAL D 52 38.63 -6.48 1.20
N GLN D 53 39.56 -7.03 2.01
CA GLN D 53 39.71 -8.46 2.27
C GLN D 53 38.44 -9.01 2.95
N LEU D 54 37.85 -8.22 3.88
CA LEU D 54 36.63 -8.60 4.61
C LEU D 54 35.37 -8.60 3.73
N LEU D 55 35.47 -8.20 2.44
CA LEU D 55 34.36 -8.20 1.50
C LEU D 55 34.09 -9.61 0.94
N SER D 56 35.07 -10.51 1.06
CA SER D 56 34.97 -11.90 0.61
C SER D 56 34.51 -12.84 1.74
N SER D 57 34.25 -12.27 2.93
CA SER D 57 33.82 -12.99 4.14
C SER D 57 32.44 -13.64 4.03
N PRO D 58 32.27 -14.90 4.48
CA PRO D 58 30.93 -15.52 4.45
C PRO D 58 30.03 -15.01 5.58
N ASN D 59 30.63 -14.31 6.57
CA ASN D 59 29.96 -13.74 7.74
C ASN D 59 29.30 -12.41 7.39
N GLU D 60 27.95 -12.37 7.47
CA GLU D 60 27.14 -11.19 7.17
C GLU D 60 27.40 -10.01 8.12
N GLN D 61 27.67 -10.28 9.42
CA GLN D 61 27.98 -9.25 10.42
C GLN D 61 29.25 -8.48 10.03
N ILE D 62 30.31 -9.22 9.61
CA ILE D 62 31.59 -8.65 9.16
C ILE D 62 31.38 -7.87 7.84
N LEU D 63 30.77 -8.51 6.82
CA LEU D 63 30.51 -7.93 5.50
C LEU D 63 29.74 -6.60 5.58
N GLN D 64 28.68 -6.53 6.41
CA GLN D 64 27.88 -5.32 6.60
C GLN D 64 28.72 -4.17 7.17
N GLU D 65 29.43 -4.42 8.28
CA GLU D 65 30.28 -3.42 8.92
C GLU D 65 31.45 -2.97 8.01
N ALA D 66 32.03 -3.91 7.23
CA ALA D 66 33.13 -3.62 6.31
C ALA D 66 32.65 -2.72 5.16
N LEU D 67 31.47 -3.03 4.57
CA LEU D 67 30.82 -2.25 3.49
C LEU D 67 30.50 -0.84 3.98
N TRP D 68 29.96 -0.74 5.22
CA TRP D 68 29.59 0.49 5.89
C TRP D 68 30.82 1.39 6.07
N ALA D 69 31.94 0.82 6.58
CA ALA D 69 33.21 1.51 6.81
C ALA D 69 33.79 2.10 5.51
N LEU D 70 33.81 1.28 4.42
CA LEU D 70 34.31 1.67 3.11
C LEU D 70 33.45 2.75 2.44
N SER D 71 32.11 2.68 2.65
CA SER D 71 31.16 3.68 2.13
C SER D 71 31.43 5.03 2.78
N ASN D 72 31.69 5.02 4.11
CA ASN D 72 31.99 6.22 4.89
C ASN D 72 33.35 6.83 4.52
N ILE D 73 34.36 5.99 4.22
CA ILE D 73 35.69 6.44 3.78
C ILE D 73 35.54 7.10 2.39
N ALA D 74 34.70 6.49 1.52
CA ALA D 74 34.39 6.99 0.18
C ALA D 74 33.48 8.24 0.19
N SER D 75 33.06 8.71 1.38
CA SER D 75 32.25 9.93 1.51
C SER D 75 33.16 11.16 1.71
N GLY D 76 34.47 10.93 1.83
CA GLY D 76 35.47 11.97 2.01
C GLY D 76 35.88 12.65 0.72
N GLY D 77 37.11 13.17 0.71
CA GLY D 77 37.68 13.87 -0.44
C GLY D 77 38.04 12.95 -1.57
N ASN D 78 38.24 13.52 -2.78
CA ASN D 78 38.58 12.79 -4.01
C ASN D 78 39.82 11.91 -3.89
N GLU D 79 40.85 12.35 -3.14
CA GLU D 79 42.08 11.58 -2.92
C GLU D 79 41.86 10.43 -1.93
N GLN D 80 40.87 10.57 -1.03
CA GLN D 80 40.51 9.54 -0.05
C GLN D 80 39.69 8.45 -0.77
N ILE D 81 38.85 8.86 -1.75
CA ILE D 81 38.03 7.98 -2.57
C ILE D 81 38.94 7.13 -3.48
N GLN D 82 39.98 7.76 -4.06
CA GLN D 82 40.98 7.13 -4.93
C GLN D 82 41.75 6.03 -4.18
N ALA D 83 41.91 6.18 -2.85
CA ALA D 83 42.58 5.20 -2.00
C ALA D 83 41.73 3.93 -1.86
N VAL D 84 40.38 4.08 -1.86
CA VAL D 84 39.41 2.96 -1.79
C VAL D 84 39.50 2.17 -3.11
N ILE D 85 39.57 2.88 -4.26
CA ILE D 85 39.70 2.32 -5.61
C ILE D 85 41.03 1.54 -5.71
N ASP D 86 42.16 2.19 -5.37
CA ASP D 86 43.52 1.61 -5.41
C ASP D 86 43.67 0.35 -4.54
N ALA D 87 42.89 0.24 -3.46
CA ALA D 87 42.90 -0.92 -2.57
C ALA D 87 42.25 -2.16 -3.23
N GLY D 88 41.49 -1.92 -4.31
CA GLY D 88 40.83 -2.95 -5.10
C GLY D 88 39.41 -3.28 -4.66
N ALA D 89 38.69 -2.27 -4.16
CA ALA D 89 37.31 -2.43 -3.67
C ALA D 89 36.25 -2.61 -4.75
N LEU D 90 36.37 -1.87 -5.88
CA LEU D 90 35.39 -1.88 -6.98
C LEU D 90 35.06 -3.28 -7.56
N PRO D 91 36.01 -4.20 -7.88
CA PRO D 91 35.60 -5.52 -8.41
C PRO D 91 34.69 -6.28 -7.43
N ALA D 92 35.03 -6.23 -6.12
CA ALA D 92 34.25 -6.87 -5.06
C ALA D 92 32.85 -6.26 -4.95
N LEU D 93 32.75 -4.91 -4.98
CA LEU D 93 31.48 -4.17 -4.89
C LEU D 93 30.53 -4.45 -6.05
N VAL D 94 31.07 -4.53 -7.29
CA VAL D 94 30.29 -4.80 -8.50
C VAL D 94 29.73 -6.22 -8.45
N GLN D 95 30.54 -7.19 -7.98
CA GLN D 95 30.12 -8.59 -7.82
C GLN D 95 29.01 -8.72 -6.76
N LEU D 96 29.05 -7.88 -5.72
CA LEU D 96 28.06 -7.87 -4.63
C LEU D 96 26.69 -7.31 -5.06
N LEU D 97 26.58 -6.76 -6.30
CA LEU D 97 25.32 -6.25 -6.84
C LEU D 97 24.42 -7.42 -7.29
N SER D 98 24.99 -8.62 -7.45
CA SER D 98 24.29 -9.86 -7.83
C SER D 98 23.78 -10.61 -6.59
N SER D 99 24.09 -10.09 -5.37
CA SER D 99 23.68 -10.71 -4.11
C SER D 99 22.16 -10.74 -3.92
N PRO D 100 21.60 -11.91 -3.51
CA PRO D 100 20.16 -11.97 -3.24
C PRO D 100 19.79 -11.33 -1.89
N ASN D 101 20.80 -10.87 -1.11
CA ASN D 101 20.63 -10.22 0.18
C ASN D 101 20.43 -8.71 -0.04
N GLU D 102 19.22 -8.21 0.25
CA GLU D 102 18.83 -6.81 0.07
C GLU D 102 19.63 -5.83 0.93
N GLN D 103 20.12 -6.27 2.10
CA GLN D 103 20.92 -5.41 2.97
C GLN D 103 22.33 -5.18 2.40
N ILE D 104 22.96 -6.25 1.88
CA ILE D 104 24.29 -6.22 1.27
C ILE D 104 24.23 -5.40 -0.04
N LEU D 105 23.20 -5.67 -0.88
CA LEU D 105 22.95 -4.98 -2.15
C LEU D 105 22.83 -3.46 -1.95
N GLN D 106 22.07 -3.02 -0.93
CA GLN D 106 21.89 -1.59 -0.60
C GLN D 106 23.21 -0.94 -0.18
N GLU D 107 24.01 -1.63 0.67
CA GLU D 107 25.30 -1.15 1.15
C GLU D 107 26.34 -1.10 0.03
N ALA D 108 26.32 -2.10 -0.89
CA ALA D 108 27.22 -2.13 -2.06
C ALA D 108 26.87 -0.96 -2.98
N LEU D 109 25.57 -0.63 -3.10
CA LEU D 109 25.06 0.50 -3.88
C LEU D 109 25.49 1.81 -3.23
N TRP D 110 25.40 1.91 -1.88
CA TRP D 110 25.84 3.07 -1.08
C TRP D 110 27.32 3.35 -1.40
N ALA D 111 28.16 2.29 -1.31
CA ALA D 111 29.60 2.31 -1.55
C ALA D 111 29.97 2.79 -2.94
N LEU D 112 29.30 2.25 -3.98
CA LEU D 112 29.55 2.62 -5.37
C LEU D 112 29.09 4.03 -5.68
N SER D 113 27.96 4.47 -5.09
CA SER D 113 27.42 5.82 -5.26
C SER D 113 28.37 6.84 -4.61
N ASN D 114 28.95 6.51 -3.45
CA ASN D 114 29.91 7.39 -2.75
C ASN D 114 31.22 7.52 -3.52
N ILE D 115 31.67 6.44 -4.19
CA ILE D 115 32.89 6.45 -5.00
C ILE D 115 32.62 7.33 -6.26
N ALA D 116 31.40 7.24 -6.79
CA ALA D 116 30.94 8.01 -7.96
C ALA D 116 30.58 9.46 -7.60
N SER D 117 30.59 9.82 -6.31
CA SER D 117 30.30 11.19 -5.86
C SER D 117 31.52 12.13 -6.03
N GLY D 118 32.69 11.55 -6.26
CA GLY D 118 33.95 12.26 -6.43
C GLY D 118 34.16 12.85 -7.81
N GLY D 119 35.42 12.99 -8.19
CA GLY D 119 35.84 13.55 -9.48
C GLY D 119 35.63 12.63 -10.66
N ASN D 120 35.96 13.12 -11.88
CA ASN D 120 35.82 12.38 -13.14
C ASN D 120 36.66 11.11 -13.20
N GLU D 121 37.83 11.12 -12.53
CA GLU D 121 38.74 9.96 -12.47
C GLU D 121 38.08 8.86 -11.63
N GLN D 122 37.43 9.23 -10.51
CA GLN D 122 36.75 8.32 -9.59
C GLN D 122 35.45 7.78 -10.18
N ILE D 123 34.68 8.63 -10.91
CA ILE D 123 33.42 8.26 -11.59
C ILE D 123 33.73 7.22 -12.69
N GLN D 124 34.78 7.50 -13.50
CA GLN D 124 35.24 6.65 -14.60
C GLN D 124 35.68 5.26 -14.08
N ALA D 125 36.27 5.20 -12.87
CA ALA D 125 36.69 3.95 -12.24
C ALA D 125 35.49 3.01 -12.02
N VAL D 126 34.34 3.57 -11.58
CA VAL D 126 33.07 2.86 -11.36
C VAL D 126 32.53 2.34 -12.71
N ILE D 127 32.65 3.16 -13.78
CA ILE D 127 32.24 2.80 -15.15
C ILE D 127 33.10 1.64 -15.65
N ASP D 128 34.44 1.77 -15.51
CA ASP D 128 35.44 0.78 -15.92
C ASP D 128 35.32 -0.55 -15.17
N ALA D 129 34.76 -0.53 -13.95
CA ALA D 129 34.53 -1.71 -13.12
C ALA D 129 33.31 -2.53 -13.62
N GLY D 130 32.47 -1.91 -14.45
CA GLY D 130 31.29 -2.54 -15.04
C GLY D 130 30.04 -2.48 -14.20
N ALA D 131 29.83 -1.36 -13.48
CA ALA D 131 28.65 -1.17 -12.62
C ALA D 131 27.38 -0.77 -13.37
N LEU D 132 27.50 -0.01 -14.48
CA LEU D 132 26.37 0.51 -15.27
C LEU D 132 25.35 -0.55 -15.72
N PRO D 133 25.70 -1.68 -16.41
CA PRO D 133 24.65 -2.65 -16.80
C PRO D 133 23.81 -3.15 -15.64
N ALA D 134 24.42 -3.38 -14.46
CA ALA D 134 23.71 -3.80 -13.24
C ALA D 134 22.81 -2.66 -12.70
N LEU D 135 23.31 -1.40 -12.71
CA LEU D 135 22.55 -0.22 -12.24
C LEU D 135 21.33 0.08 -13.12
N VAL D 136 21.45 -0.10 -14.44
CA VAL D 136 20.35 0.11 -15.39
C VAL D 136 19.28 -0.97 -15.16
N GLN D 137 19.72 -2.22 -14.90
CA GLN D 137 18.84 -3.37 -14.63
C GLN D 137 18.07 -3.17 -13.32
N LEU D 138 18.72 -2.59 -12.29
CA LEU D 138 18.11 -2.32 -10.98
C LEU D 138 17.02 -1.22 -11.05
N LEU D 139 16.90 -0.52 -12.20
CA LEU D 139 15.86 0.50 -12.41
C LEU D 139 14.50 -0.18 -12.64
N SER D 140 14.51 -1.46 -13.03
CA SER D 140 13.32 -2.28 -13.28
C SER D 140 12.84 -3.02 -12.01
N SER D 141 13.57 -2.86 -10.89
CA SER D 141 13.27 -3.53 -9.61
C SER D 141 11.96 -3.06 -8.96
N PRO D 142 11.14 -3.99 -8.39
CA PRO D 142 9.92 -3.56 -7.70
C PRO D 142 10.19 -3.11 -6.25
N ASN D 143 11.47 -3.14 -5.81
CA ASN D 143 11.91 -2.72 -4.49
C ASN D 143 12.28 -1.24 -4.57
N GLU D 144 11.50 -0.37 -3.89
CA GLU D 144 11.67 1.08 -3.86
C GLU D 144 12.99 1.53 -3.25
N GLN D 145 13.50 0.80 -2.24
CA GLN D 145 14.78 1.11 -1.60
C GLN D 145 15.94 0.92 -2.57
N ILE D 146 16.03 -0.25 -3.24
CA ILE D 146 17.06 -0.59 -4.22
C ILE D 146 16.99 0.34 -5.43
N LEU D 147 15.78 0.58 -5.97
CA LEU D 147 15.54 1.46 -7.12
C LEU D 147 16.04 2.89 -6.85
N GLN D 148 15.75 3.44 -5.65
CA GLN D 148 16.20 4.77 -5.24
C GLN D 148 17.73 4.82 -5.09
N GLU D 149 18.35 3.78 -4.51
CA GLU D 149 19.80 3.71 -4.35
C GLU D 149 20.51 3.65 -5.71
N ALA D 150 19.96 2.84 -6.65
CA ALA D 150 20.47 2.69 -8.01
C ALA D 150 20.33 4.00 -8.80
N LEU D 151 19.25 4.78 -8.53
CA LEU D 151 18.99 6.08 -9.16
C LEU D 151 20.02 7.12 -8.70
N TRP D 152 20.38 7.11 -7.40
CA TRP D 152 21.37 8.02 -6.83
C TRP D 152 22.77 7.75 -7.41
N ALA D 153 23.10 6.46 -7.60
CA ALA D 153 24.37 6.01 -8.16
C ALA D 153 24.52 6.45 -9.62
N LEU D 154 23.44 6.36 -10.41
CA LEU D 154 23.42 6.80 -11.80
C LEU D 154 23.50 8.31 -11.91
N SER D 155 22.85 9.03 -10.95
CA SER D 155 22.88 10.50 -10.88
C SER D 155 24.30 11.00 -10.63
N ASN D 156 25.07 10.30 -9.74
CA ASN D 156 26.45 10.65 -9.41
C ASN D 156 27.39 10.41 -10.58
N ILE D 157 27.14 9.35 -11.38
CA ILE D 157 27.93 9.05 -12.58
C ILE D 157 27.67 10.13 -13.65
N ALA D 158 26.39 10.54 -13.77
CA ALA D 158 25.92 11.57 -14.71
C ALA D 158 26.26 13.01 -14.29
N SER D 159 26.80 13.19 -13.07
CA SER D 159 27.17 14.51 -12.56
C SER D 159 28.57 14.96 -13.02
N GLY D 160 29.31 14.06 -13.67
CA GLY D 160 30.64 14.32 -14.17
C GLY D 160 30.71 14.96 -15.54
N GLY D 161 31.77 14.67 -16.28
CA GLY D 161 32.00 15.18 -17.63
C GLY D 161 31.12 14.53 -18.67
N ASN D 162 31.12 15.08 -19.90
CA ASN D 162 30.34 14.61 -21.05
C ASN D 162 30.52 13.13 -21.37
N GLU D 163 31.76 12.63 -21.25
CA GLU D 163 32.11 11.23 -21.52
C GLU D 163 31.52 10.28 -20.49
N GLN D 164 31.44 10.73 -19.21
CA GLN D 164 30.87 9.95 -18.11
C GLN D 164 29.34 9.91 -18.26
N ILE D 165 28.73 11.03 -18.72
CA ILE D 165 27.31 11.15 -19.00
C ILE D 165 26.96 10.21 -20.18
N GLN D 166 27.78 10.23 -21.25
CA GLN D 166 27.60 9.40 -22.45
C GLN D 166 27.58 7.91 -22.11
N ALA D 167 28.39 7.49 -21.12
CA ALA D 167 28.46 6.11 -20.64
C ALA D 167 27.12 5.66 -20.06
N VAL D 168 26.40 6.58 -19.37
CA VAL D 168 25.07 6.33 -18.77
C VAL D 168 24.03 6.15 -19.89
N ILE D 169 24.08 7.02 -20.92
CA ILE D 169 23.20 6.99 -22.10
C ILE D 169 23.42 5.66 -22.87
N ASP D 170 24.70 5.30 -23.09
CA ASP D 170 25.12 4.09 -23.80
C ASP D 170 24.68 2.81 -23.10
N ALA D 171 24.54 2.87 -21.75
CA ALA D 171 24.10 1.75 -20.92
C ALA D 171 22.58 1.53 -21.01
N GLY D 172 21.86 2.48 -21.61
CA GLY D 172 20.42 2.42 -21.82
C GLY D 172 19.58 2.88 -20.65
N ALA D 173 20.07 3.87 -19.89
CA ALA D 173 19.39 4.41 -18.73
C ALA D 173 18.20 5.31 -19.05
N LEU D 174 18.27 6.09 -20.15
CA LEU D 174 17.26 7.06 -20.56
C LEU D 174 15.83 6.49 -20.75
N PRO D 175 15.57 5.38 -21.50
CA PRO D 175 14.18 4.90 -21.61
C PRO D 175 13.53 4.61 -20.26
N ALA D 176 14.32 4.04 -19.31
CA ALA D 176 13.86 3.74 -17.95
C ALA D 176 13.61 5.03 -17.18
N LEU D 177 14.50 6.04 -17.31
CA LEU D 177 14.38 7.34 -16.63
C LEU D 177 13.14 8.11 -17.11
N VAL D 178 12.86 8.07 -18.43
CA VAL D 178 11.71 8.70 -19.08
C VAL D 178 10.39 8.05 -18.57
N GLN D 179 10.40 6.71 -18.36
CA GLN D 179 9.25 5.97 -17.84
C GLN D 179 8.98 6.30 -16.36
N LEU D 180 10.05 6.64 -15.61
CA LEU D 180 9.94 7.00 -14.19
C LEU D 180 9.38 8.42 -13.98
N LEU D 181 9.25 9.21 -15.06
CA LEU D 181 8.68 10.56 -15.02
C LEU D 181 7.15 10.50 -14.84
N SER D 182 6.56 9.34 -15.17
CA SER D 182 5.12 9.07 -15.06
C SER D 182 4.79 8.29 -13.76
N SER D 183 5.80 8.11 -12.88
CA SER D 183 5.62 7.40 -11.61
C SER D 183 4.82 8.21 -10.60
N PRO D 184 3.86 7.58 -9.85
CA PRO D 184 3.11 8.33 -8.84
C PRO D 184 3.89 8.50 -7.53
N ASN D 185 5.12 7.95 -7.46
CA ASN D 185 6.01 8.05 -6.31
C ASN D 185 6.87 9.32 -6.46
N GLU D 186 6.58 10.34 -5.65
CA GLU D 186 7.26 11.65 -5.65
C GLU D 186 8.76 11.59 -5.36
N GLN D 187 9.21 10.62 -4.55
CA GLN D 187 10.63 10.43 -4.23
C GLN D 187 11.40 9.94 -5.46
N ILE D 188 10.87 8.90 -6.15
CA ILE D 188 11.45 8.32 -7.37
C ILE D 188 11.43 9.37 -8.50
N LEU D 189 10.34 10.16 -8.60
CA LEU D 189 10.17 11.22 -9.60
C LEU D 189 11.26 12.29 -9.45
N GLN D 190 11.50 12.76 -8.21
CA GLN D 190 12.55 13.74 -7.87
C GLN D 190 13.91 13.20 -8.29
N GLU D 191 14.17 11.90 -8.00
CA GLU D 191 15.43 11.24 -8.34
C GLU D 191 15.66 11.03 -9.83
N ALA D 192 14.58 10.71 -10.59
CA ALA D 192 14.64 10.51 -12.03
C ALA D 192 14.86 11.84 -12.72
N LEU D 193 14.23 12.92 -12.21
CA LEU D 193 14.39 14.29 -12.69
C LEU D 193 15.82 14.79 -12.44
N TRP D 194 16.37 14.50 -11.25
CA TRP D 194 17.74 14.87 -10.86
C TRP D 194 18.79 14.17 -11.73
N ALA D 195 18.55 12.89 -12.06
CA ALA D 195 19.42 12.10 -12.95
C ALA D 195 19.38 12.69 -14.36
N LEU D 196 18.16 13.01 -14.87
CA LEU D 196 17.95 13.61 -16.18
C LEU D 196 18.54 15.03 -16.28
N SER D 197 18.48 15.81 -15.17
CA SER D 197 19.05 17.17 -15.09
C SER D 197 20.58 17.11 -15.21
N ASN D 198 21.20 16.10 -14.59
CA ASN D 198 22.64 15.87 -14.62
C ASN D 198 23.10 15.49 -16.02
N ILE D 199 22.30 14.68 -16.75
CA ILE D 199 22.57 14.28 -18.13
C ILE D 199 22.42 15.52 -19.03
N ALA D 200 21.36 16.32 -18.80
CA ALA D 200 21.08 17.55 -19.54
C ALA D 200 22.05 18.70 -19.21
N SER D 201 22.95 18.50 -18.22
CA SER D 201 23.94 19.51 -17.85
C SER D 201 25.25 19.32 -18.65
N GLY D 202 25.24 18.38 -19.59
CA GLY D 202 26.35 18.09 -20.48
C GLY D 202 26.25 18.87 -21.78
N GLY D 203 26.88 18.33 -22.83
CA GLY D 203 26.88 18.94 -24.15
C GLY D 203 25.57 18.81 -24.89
N ASN D 204 25.47 19.47 -26.06
CA ASN D 204 24.29 19.47 -26.93
C ASN D 204 23.86 18.06 -27.36
N GLU D 205 24.84 17.16 -27.59
CA GLU D 205 24.61 15.77 -27.99
C GLU D 205 23.99 14.94 -26.86
N GLN D 206 24.31 15.28 -25.60
CA GLN D 206 23.77 14.62 -24.41
C GLN D 206 22.35 15.11 -24.12
N ILE D 207 22.08 16.41 -24.36
CA ILE D 207 20.77 17.06 -24.21
C ILE D 207 19.82 16.47 -25.27
N GLN D 208 20.33 16.27 -26.51
CA GLN D 208 19.58 15.70 -27.63
C GLN D 208 19.14 14.25 -27.34
N ALA D 209 20.00 13.47 -26.64
CA ALA D 209 19.72 12.09 -26.24
C ALA D 209 18.49 12.03 -25.33
N VAL D 210 18.38 13.00 -24.38
CA VAL D 210 17.26 13.18 -23.43
C VAL D 210 15.98 13.44 -24.25
N ILE D 211 16.06 14.33 -25.26
CA ILE D 211 14.96 14.70 -26.17
C ILE D 211 14.51 13.48 -26.97
N ASP D 212 15.46 12.76 -27.60
CA ASP D 212 15.22 11.56 -28.42
C ASP D 212 14.62 10.38 -27.62
N ALA D 213 14.81 10.39 -26.29
CA ALA D 213 14.27 9.38 -25.38
C ALA D 213 12.80 9.67 -25.03
N GLY D 214 12.32 10.86 -25.42
CA GLY D 214 10.94 11.31 -25.24
C GLY D 214 10.64 11.88 -23.86
N ALA D 215 11.59 12.67 -23.30
CA ALA D 215 11.45 13.28 -21.97
C ALA D 215 10.60 14.55 -21.94
N LEU D 216 10.64 15.37 -23.01
CA LEU D 216 9.90 16.64 -23.11
C LEU D 216 8.37 16.52 -22.94
N PRO D 217 7.62 15.57 -23.56
CA PRO D 217 6.17 15.51 -23.31
C PRO D 217 5.82 15.27 -21.84
N ALA D 218 6.61 14.42 -21.15
CA ALA D 218 6.44 14.13 -19.72
C ALA D 218 6.82 15.36 -18.89
N LEU D 219 7.93 16.05 -19.24
CA LEU D 219 8.43 17.26 -18.57
C LEU D 219 7.45 18.43 -18.65
N VAL D 220 6.88 18.68 -19.86
CA VAL D 220 5.92 19.75 -20.13
C VAL D 220 4.65 19.54 -19.29
N GLN D 221 4.21 18.27 -19.14
CA GLN D 221 3.05 17.90 -18.33
C GLN D 221 3.32 18.20 -16.85
N LEU D 222 4.57 17.97 -16.39
CA LEU D 222 5.00 18.23 -15.00
C LEU D 222 4.99 19.73 -14.63
N LEU D 223 4.98 20.62 -15.64
CA LEU D 223 4.93 22.08 -15.43
C LEU D 223 3.52 22.56 -15.05
N SER D 224 2.50 21.68 -15.13
CA SER D 224 1.12 22.01 -14.77
C SER D 224 0.71 21.34 -13.46
N SER D 225 1.69 20.78 -12.73
CA SER D 225 1.49 20.10 -11.46
C SER D 225 1.14 21.10 -10.34
N PRO D 226 0.19 20.77 -9.43
CA PRO D 226 -0.11 21.69 -8.32
C PRO D 226 0.94 21.66 -7.20
N ASN D 227 1.89 20.71 -7.28
CA ASN D 227 2.99 20.50 -6.35
C ASN D 227 4.18 21.39 -6.75
N GLU D 228 4.46 22.42 -5.93
CA GLU D 228 5.54 23.40 -6.12
C GLU D 228 6.93 22.78 -6.13
N GLN D 229 7.15 21.71 -5.34
CA GLN D 229 8.42 20.99 -5.26
C GLN D 229 8.69 20.26 -6.58
N ILE D 230 7.65 19.60 -7.17
CA ILE D 230 7.75 18.90 -8.46
C ILE D 230 8.04 19.91 -9.57
N LEU D 231 7.35 21.08 -9.53
CA LEU D 231 7.50 22.19 -10.47
C LEU D 231 8.96 22.64 -10.55
N GLN D 232 9.58 22.94 -9.38
CA GLN D 232 10.97 23.38 -9.25
C GLN D 232 11.97 22.36 -9.79
N GLU D 233 11.68 21.05 -9.62
CA GLU D 233 12.51 19.95 -10.12
C GLU D 233 12.42 19.85 -11.64
N ALA D 234 11.18 19.95 -12.19
CA ALA D 234 10.92 19.89 -13.63
C ALA D 234 11.48 21.11 -14.35
N LEU D 235 11.39 22.31 -13.71
CA LEU D 235 11.91 23.58 -14.24
C LEU D 235 13.42 23.54 -14.39
N TRP D 236 14.14 23.02 -13.36
CA TRP D 236 15.59 22.88 -13.35
C TRP D 236 16.07 21.97 -14.48
N ALA D 237 15.34 20.88 -14.75
CA ALA D 237 15.62 19.93 -15.83
C ALA D 237 15.44 20.61 -17.19
N LEU D 238 14.31 21.35 -17.38
CA LEU D 238 14.02 22.06 -18.63
C LEU D 238 14.97 23.21 -18.89
N SER D 239 15.44 23.89 -17.81
CA SER D 239 16.41 24.99 -17.89
C SER D 239 17.75 24.47 -18.44
N ASN D 240 18.16 23.25 -18.03
CA ASN D 240 19.38 22.62 -18.53
C ASN D 240 19.25 22.19 -19.99
N ILE D 241 18.04 21.76 -20.40
CA ILE D 241 17.73 21.37 -21.79
C ILE D 241 17.70 22.63 -22.67
N ALA D 242 17.08 23.72 -22.18
CA ALA D 242 16.98 25.02 -22.86
C ALA D 242 18.34 25.71 -23.05
N SER D 243 19.35 25.35 -22.22
CA SER D 243 20.70 25.92 -22.27
C SER D 243 21.56 25.38 -23.43
N GLY D 244 21.02 24.44 -24.21
CA GLY D 244 21.70 23.83 -25.36
C GLY D 244 21.65 24.67 -26.62
N GLY D 245 21.84 24.01 -27.77
CA GLY D 245 21.80 24.65 -29.08
C GLY D 245 20.42 25.02 -29.55
N ASN D 246 20.34 25.66 -30.74
CA ASN D 246 19.08 26.10 -31.36
C ASN D 246 18.14 24.95 -31.73
N GLU D 247 18.69 23.78 -32.10
CA GLU D 247 17.92 22.58 -32.43
C GLU D 247 17.22 22.04 -31.17
N GLN D 248 17.94 22.07 -30.03
CA GLN D 248 17.45 21.63 -28.72
C GLN D 248 16.38 22.59 -28.20
N LYS D 249 16.58 23.92 -28.40
CA LYS D 249 15.63 24.97 -28.00
C LYS D 249 14.32 24.82 -28.78
N GLN D 250 14.42 24.50 -30.08
CA GLN D 250 13.27 24.30 -30.99
C GLN D 250 12.42 23.10 -30.55
N ALA D 251 13.07 22.01 -30.12
CA ALA D 251 12.42 20.77 -29.64
C ALA D 251 11.53 21.04 -28.44
N VAL D 252 11.98 21.91 -27.51
CA VAL D 252 11.27 22.32 -26.29
C VAL D 252 10.05 23.18 -26.66
N LYS D 253 10.21 24.07 -27.67
CA LYS D 253 9.13 24.95 -28.18
C LYS D 253 8.01 24.11 -28.79
N GLU D 254 8.38 23.07 -29.59
CA GLU D 254 7.47 22.14 -30.26
C GLU D 254 6.69 21.26 -29.28
N ALA D 255 7.23 21.06 -28.06
CA ALA D 255 6.62 20.27 -26.99
C ALA D 255 5.54 21.07 -26.22
N GLY D 256 5.55 22.38 -26.39
CA GLY D 256 4.59 23.30 -25.76
C GLY D 256 5.01 23.82 -24.41
N ALA D 257 6.32 24.07 -24.23
CA ALA D 257 6.85 24.59 -22.96
C ALA D 257 6.68 26.09 -22.79
N LEU D 258 6.78 26.87 -23.90
CA LEU D 258 6.66 28.34 -23.92
C LEU D 258 5.40 28.84 -23.21
N GLU D 259 4.23 28.27 -23.57
CA GLU D 259 2.92 28.62 -23.01
C GLU D 259 2.83 28.28 -21.53
N LYS D 260 3.42 27.15 -21.13
CA LYS D 260 3.44 26.68 -19.74
C LYS D 260 4.33 27.59 -18.91
N LEU D 261 5.49 28.00 -19.46
CA LEU D 261 6.45 28.89 -18.80
C LEU D 261 5.89 30.31 -18.63
N GLU D 262 5.15 30.81 -19.65
CA GLU D 262 4.48 32.12 -19.64
C GLU D 262 3.41 32.17 -18.53
N GLN D 263 2.72 31.04 -18.30
CA GLN D 263 1.72 30.88 -17.25
C GLN D 263 2.39 30.86 -15.87
N LEU D 264 3.57 30.21 -15.76
CA LEU D 264 4.34 30.10 -14.52
C LEU D 264 4.96 31.41 -14.03
N GLN D 265 4.97 32.46 -14.88
CA GLN D 265 5.48 33.78 -14.51
C GLN D 265 4.48 34.57 -13.65
N SER D 266 3.23 34.05 -13.53
CA SER D 266 2.14 34.61 -12.73
C SER D 266 1.87 33.78 -11.46
N HIS D 267 2.74 32.78 -11.18
CA HIS D 267 2.67 31.88 -10.01
C HIS D 267 3.02 32.65 -8.72
N GLU D 268 2.32 32.31 -7.61
CA GLU D 268 2.48 32.92 -6.28
C GLU D 268 3.87 32.72 -5.66
N ASN D 269 4.46 31.54 -5.85
CA ASN D 269 5.79 31.21 -5.34
C ASN D 269 6.86 31.93 -6.18
N GLU D 270 7.71 32.73 -5.51
CA GLU D 270 8.77 33.55 -6.12
C GLU D 270 9.84 32.73 -6.82
N LYS D 271 10.21 31.55 -6.26
CA LYS D 271 11.22 30.66 -6.84
C LYS D 271 10.76 30.09 -8.18
N ILE D 272 9.45 29.76 -8.30
CA ILE D 272 8.83 29.27 -9.54
C ILE D 272 8.88 30.39 -10.58
N GLN D 273 8.50 31.63 -10.17
CA GLN D 273 8.47 32.84 -10.99
C GLN D 273 9.86 33.14 -11.61
N LYS D 274 10.92 33.13 -10.78
CA LYS D 274 12.30 33.40 -11.19
C LYS D 274 12.87 32.34 -12.13
N GLU D 275 12.77 31.05 -11.76
CA GLU D 275 13.28 29.93 -12.54
C GLU D 275 12.59 29.78 -13.90
N ALA D 276 11.26 30.03 -13.98
CA ALA D 276 10.50 29.98 -15.23
C ALA D 276 10.93 31.10 -16.18
N GLN D 277 11.23 32.30 -15.63
CA GLN D 277 11.70 33.47 -16.37
C GLN D 277 13.08 33.18 -16.98
N GLU D 278 13.98 32.53 -16.21
CA GLU D 278 15.33 32.16 -16.65
C GLU D 278 15.32 31.12 -17.75
N ALA D 279 14.43 30.11 -17.64
CA ALA D 279 14.26 29.04 -18.64
C ALA D 279 13.67 29.62 -19.94
N LEU D 280 12.70 30.55 -19.83
CA LEU D 280 12.06 31.23 -20.96
C LEU D 280 13.05 32.16 -21.68
N GLU D 281 14.00 32.77 -20.92
CA GLU D 281 15.07 33.64 -21.42
C GLU D 281 16.02 32.82 -22.28
N LYS D 282 16.37 31.60 -21.83
CA LYS D 282 17.26 30.65 -22.50
C LYS D 282 16.69 30.15 -23.83
N LEU D 283 15.37 29.85 -23.85
CA LEU D 283 14.65 29.35 -25.02
C LEU D 283 14.55 30.35 -26.16
N GLN D 284 14.16 31.59 -25.84
CA GLN D 284 13.98 32.67 -26.81
C GLN D 284 15.26 33.51 -26.95
N SER D 285 16.42 32.83 -27.12
CA SER D 285 17.73 33.43 -27.26
C SER D 285 18.22 33.34 -28.71
N HIS D 286 18.63 34.50 -29.28
CA HIS D 286 19.13 34.60 -30.66
C HIS D 286 20.39 35.44 -30.74
N ARG E 1 -24.12 16.80 -2.90
CA ARG E 1 -23.82 16.14 -1.63
C ARG E 1 -24.60 14.81 -1.50
N ARG E 2 -24.44 13.89 -2.48
CA ARG E 2 -25.14 12.62 -2.43
C ARG E 2 -24.44 11.60 -1.52
N ARG E 3 -25.23 11.00 -0.62
CA ARG E 3 -24.85 9.99 0.35
C ARG E 3 -25.29 8.61 -0.14
N ARG E 4 -24.42 7.60 -0.03
CA ARG E 4 -24.73 6.23 -0.47
C ARG E 4 -24.61 5.23 0.69
N ARG E 5 -25.69 4.47 0.93
CA ARG E 5 -25.73 3.46 1.98
C ARG E 5 -25.66 2.05 1.38
N ARG E 6 -24.60 1.32 1.77
CA ARG E 6 -24.24 -0.08 1.42
C ARG E 6 -24.37 -0.38 -0.10
N ARG E 7 -24.55 -1.68 -0.46
CA ARG E 7 -24.71 -2.15 -1.84
C ARG E 7 -26.20 -2.27 -2.18
N ARG E 8 -26.53 -2.12 -3.48
CA ARG E 8 -27.89 -2.21 -4.06
C ARG E 8 -28.86 -1.19 -3.47
N ARG F 1 16.96 -3.62 25.45
CA ARG F 1 16.29 -2.61 24.62
C ARG F 1 17.32 -1.84 23.80
N ARG F 2 17.20 -1.90 22.46
CA ARG F 2 18.14 -1.27 21.54
C ARG F 2 17.49 -0.18 20.68
N ARG F 3 17.86 1.08 20.96
CA ARG F 3 17.42 2.27 20.23
C ARG F 3 18.30 2.45 18.99
N ARG F 4 17.82 3.21 18.00
CA ARG F 4 18.58 3.50 16.78
C ARG F 4 18.35 4.93 16.28
N ARG F 5 19.44 5.72 16.23
CA ARG F 5 19.43 7.09 15.71
C ARG F 5 20.24 7.08 14.41
N ARG F 6 19.66 7.61 13.32
CA ARG F 6 20.32 7.65 12.01
C ARG F 6 20.37 9.06 11.42
N ARG F 7 21.58 9.51 11.05
CA ARG F 7 21.77 10.84 10.44
C ARG F 7 21.29 10.85 8.99
N ARG F 8 20.80 12.01 8.52
CA ARG F 8 20.29 12.19 7.16
C ARG F 8 21.42 12.22 6.14
CA CA G . -30.89 11.34 -28.49
CA CA H . -2.40 -8.95 5.40
CA CA I . -32.20 26.28 -13.80
CA CA J . -11.85 -7.08 24.55
CA CA K . -18.81 5.33 -24.42
CA CA L . -9.52 0.43 -17.30
CA CA M . -3.63 -4.22 -6.51
CA CA N . -5.60 -15.29 17.88
CA CA O . -17.33 -41.88 11.96
CA CA P . -40.12 2.10 -27.48
CA CA Q . -13.10 -40.34 19.11
CA CA R . -6.53 -36.53 23.81
CA CA S . -49.06 6.10 -16.34
CA CA T . 2.48 9.27 -4.41
CA CA U . 23.77 -13.20 33.07
CA CA V . 7.77 -2.60 -3.68
CA CA W . 16.81 -12.04 -0.16
CA CA X . 36.93 -18.02 16.83
CA CA Y . 27.18 -16.44 6.56
CA CA Z . 0.40 23.22 -4.13
CA CA AA . 18.48 36.47 -16.43
#